data_8CE5
#
_entry.id   8CE5
#
_cell.length_a   1.00
_cell.length_b   1.00
_cell.length_c   1.00
_cell.angle_alpha   90.00
_cell.angle_beta   90.00
_cell.angle_gamma   90.00
#
_symmetry.space_group_name_H-M   'P 1'
#
loop_
_entity.id
_entity.type
_entity.pdbx_description
1 polymer 'Cytochrome c biogenesis ATP-binding export protein CcmA'
2 polymer 'Heme exporter protein B'
3 polymer 'Heme exporter protein C'
4 polymer 'Heme exporter protein D'
5 non-polymer 'MAGNESIUM ION'
6 non-polymer "ADENOSINE-5'-TRIPHOSPHATE"
#
loop_
_entity_poly.entity_id
_entity_poly.type
_entity_poly.pdbx_seq_one_letter_code
_entity_poly.pdbx_strand_id
1 'polypeptide(L)'
;MASWSHPQFEKMGMLEARELLCERDERTLFSGLSFTLNAGEWVQITGSNGAGKTTLLRLLTGLSRPDAGEVLWQGQPLHQ
VRDSYHQNLLWIGHQPGIKTRLTALENLHFYHRDGDTAQCLEALAQAGLAGFEDIPVNQLSAGQQRRVALARLWLTRATL
WILDQPFTAIDVNGVDRLTQRMAQHTEQGGIVILTTHQPLNVAESKIRRISLTQTRAA
;
A,a
2 'polypeptide(L)'
;MMFWRIFRLELRVAFRHSAEIANPLWFFLIVITLFPLSIGPEPQLLARIAPGIIWVAALLSSLLALERLFRDDLQDGSLE
QLMLLPLPLPAVVLAKVMAHWMVTGLPLLILSPLVAMLLGMDVYGWQVMALTLLLGTPTLGFLGAPGVALTVGLKRGGVL
LSILVLPLTIPLLIFATAAMDAASMHLPVDGYLAILGALLAGTATLSPFATAAALRISIQ
;
B,b
3 'polypeptide(L)'
;MWKTLHQLAIPPRLYQICGWFIPWLAIASVVVLTVGWIWGFGFAPADYQQGNSYRIIYLHVPAAIWSMGIYASMAVAAFI
GLVWQMKMANLAVAAMAPIGAVFTFIALVTGSAWGKPMWGTWWVWDARLTSELVLLFLYVGVIALWHAFDDRRLAGRAAG
ILVLIGVVNLPIIHYSVEWWNTLHQGSTRMQQSIDPAMRSPLRWSIFGFLLLSATLTLMRMRNLILLMEKRRPWVSELIL
KRGRK
;
C
4 'polypeptide(L)' MTPAFASWNEFFAMGGYAFFVWLAVVMTVIPLVVLVVHSVMQHRAILRGVAQQRAREARLRAAQQQEAA D
#
# COMPACT_ATOMS: atom_id res chain seq x y z
N GLY A 13 36.26 5.10 -20.29
CA GLY A 13 36.50 5.90 -19.10
C GLY A 13 35.25 6.16 -18.30
N MET A 14 34.34 6.96 -18.86
CA MET A 14 33.10 7.33 -18.19
C MET A 14 32.07 6.22 -18.34
N LEU A 15 30.81 6.55 -18.07
CA LEU A 15 29.69 5.60 -18.04
C LEU A 15 29.64 4.73 -19.29
N GLU A 16 29.80 3.43 -19.10
CA GLU A 16 29.87 2.46 -20.18
C GLU A 16 28.84 1.36 -19.92
N ALA A 17 28.38 0.72 -21.00
CA ALA A 17 27.36 -0.32 -20.90
C ALA A 17 27.91 -1.61 -21.47
N ARG A 18 27.46 -2.74 -20.92
CA ARG A 18 27.92 -4.05 -21.38
C ARG A 18 26.75 -5.02 -21.37
N GLU A 19 26.22 -5.31 -22.57
CA GLU A 19 25.23 -6.34 -22.83
C GLU A 19 23.96 -6.15 -22.00
N LEU A 20 23.44 -4.93 -22.05
CA LEU A 20 22.28 -4.54 -21.24
C LEU A 20 21.02 -5.22 -21.77
N LEU A 21 20.60 -6.29 -21.10
CA LEU A 21 19.37 -6.99 -21.39
C LEU A 21 18.39 -6.70 -20.26
N CYS A 22 17.25 -6.10 -20.58
CA CYS A 22 16.28 -5.66 -19.58
C CYS A 22 14.87 -6.09 -19.97
N GLU A 23 14.72 -7.35 -20.35
CA GLU A 23 13.40 -7.87 -20.66
C GLU A 23 12.66 -8.18 -19.37
N ARG A 24 11.48 -7.58 -19.21
CA ARG A 24 10.64 -7.80 -18.04
C ARG A 24 9.20 -7.57 -18.44
N ASP A 25 8.26 -7.94 -17.56
CA ASP A 25 6.82 -7.88 -17.78
C ASP A 25 6.42 -8.63 -19.05
N GLU A 26 7.01 -9.80 -19.26
CA GLU A 26 6.69 -10.72 -20.36
C GLU A 26 6.91 -10.10 -21.73
N ARG A 27 7.90 -9.21 -21.84
CA ARG A 27 8.26 -8.62 -23.12
C ARG A 27 9.70 -8.13 -23.06
N THR A 28 10.26 -7.85 -24.24
CA THR A 28 11.65 -7.39 -24.37
C THR A 28 11.65 -6.00 -24.98
N LEU A 29 12.35 -5.07 -24.34
CA LEU A 29 12.41 -3.71 -24.84
C LEU A 29 13.64 -3.52 -25.73
N PHE A 30 14.80 -3.99 -25.26
CA PHE A 30 16.04 -3.83 -26.01
C PHE A 30 16.98 -4.96 -25.61
N SER A 31 18.00 -5.18 -26.44
CA SER A 31 18.90 -6.31 -26.24
C SER A 31 20.28 -5.96 -26.74
N GLY A 32 21.31 -6.26 -25.94
CA GLY A 32 22.68 -6.14 -26.37
C GLY A 32 23.18 -4.74 -26.63
N LEU A 33 22.78 -3.76 -25.83
CA LEU A 33 23.27 -2.40 -26.01
C LEU A 33 24.54 -2.21 -25.18
N SER A 34 25.60 -1.75 -25.83
CA SER A 34 26.90 -1.61 -25.20
C SER A 34 27.52 -0.25 -25.53
N PHE A 35 26.73 0.81 -25.38
CA PHE A 35 27.23 2.14 -25.67
C PHE A 35 28.18 2.62 -24.56
N THR A 36 29.20 3.36 -24.98
CA THR A 36 30.18 3.92 -24.06
C THR A 36 30.14 5.43 -24.14
N LEU A 37 30.50 6.10 -23.03
CA LEU A 37 30.59 7.55 -22.98
C LEU A 37 32.00 7.94 -22.60
N ASN A 38 32.56 8.94 -23.27
CA ASN A 38 33.82 9.54 -22.87
C ASN A 38 33.55 10.95 -22.36
N ALA A 39 34.61 11.68 -22.04
CA ALA A 39 34.48 13.01 -21.47
C ALA A 39 33.95 14.01 -22.50
N GLY A 40 33.02 14.84 -22.08
CA GLY A 40 32.44 15.86 -22.94
C GLY A 40 31.54 15.29 -24.03
N GLU A 41 30.41 14.72 -23.63
CA GLU A 41 29.47 14.13 -24.58
C GLU A 41 28.08 14.71 -24.36
N TRP A 42 27.20 14.39 -25.30
CA TRP A 42 25.81 14.83 -25.26
C TRP A 42 25.01 13.79 -26.04
N VAL A 43 24.26 12.95 -25.33
CA VAL A 43 23.49 11.89 -25.95
C VAL A 43 22.02 12.10 -25.66
N GLN A 44 21.18 11.57 -26.53
CA GLN A 44 19.72 11.59 -26.35
C GLN A 44 19.19 10.21 -26.70
N ILE A 45 18.49 9.59 -25.75
CA ILE A 45 17.91 8.28 -26.00
C ILE A 45 16.66 8.44 -26.82
N THR A 46 16.62 7.78 -27.98
CA THR A 46 15.53 7.94 -28.94
C THR A 46 14.63 6.72 -28.93
N GLY A 47 13.33 6.97 -29.05
CA GLY A 47 12.35 5.90 -29.10
C GLY A 47 10.94 6.42 -29.34
N SER A 48 9.95 5.60 -29.00
CA SER A 48 8.56 6.01 -29.15
C SER A 48 7.90 5.94 -27.78
N ASN A 49 6.62 6.34 -27.73
CA ASN A 49 5.90 6.34 -26.48
C ASN A 49 5.61 4.91 -26.03
N GLY A 50 6.38 4.42 -25.06
CA GLY A 50 6.27 3.06 -24.61
C GLY A 50 7.38 2.19 -25.17
N ALA A 51 8.59 2.76 -25.28
CA ALA A 51 9.71 1.99 -25.83
C ALA A 51 10.81 1.74 -24.80
N GLY A 52 10.69 2.29 -23.60
CA GLY A 52 11.67 2.00 -22.56
C GLY A 52 12.91 2.86 -22.55
N LYS A 53 12.77 4.18 -22.64
CA LYS A 53 13.90 5.10 -22.54
C LYS A 53 14.00 5.73 -21.15
N THR A 54 13.37 5.13 -20.14
CA THR A 54 13.48 5.64 -18.78
C THR A 54 13.99 4.51 -18.00
N THR A 55 13.58 3.27 -18.27
CA THR A 55 14.19 2.12 -17.60
C THR A 55 15.68 2.05 -17.86
N LEU A 56 16.10 2.40 -19.09
CA LEU A 56 17.53 2.46 -19.40
C LEU A 56 18.24 3.50 -18.56
N LEU A 57 17.64 4.67 -18.38
CA LEU A 57 18.27 5.72 -17.58
C LEU A 57 18.27 5.38 -16.10
N ARG A 58 17.21 4.71 -15.62
CA ARG A 58 17.18 4.28 -14.23
C ARG A 58 18.23 3.20 -13.96
N LEU A 59 18.45 2.31 -14.93
CA LEU A 59 19.50 1.32 -14.79
C LEU A 59 20.87 1.98 -14.90
N LEU A 60 20.96 3.08 -15.65
CA LEU A 60 22.22 3.83 -15.73
C LEU A 60 22.59 4.44 -14.39
N THR A 61 21.61 4.95 -13.65
CA THR A 61 21.85 5.53 -12.33
C THR A 61 21.98 4.47 -11.24
N GLY A 62 21.58 3.24 -11.50
CA GLY A 62 21.64 2.18 -10.51
C GLY A 62 20.40 2.02 -9.66
N LEU A 63 19.30 2.67 -10.01
CA LEU A 63 18.05 2.47 -9.27
C LEU A 63 17.52 1.05 -9.44
N SER A 64 17.54 0.55 -10.66
CA SER A 64 17.01 -0.77 -10.97
C SER A 64 18.15 -1.73 -11.28
N ARG A 65 18.07 -2.93 -10.70
CA ARG A 65 19.09 -3.93 -10.95
C ARG A 65 18.96 -4.48 -12.37
N PRO A 66 20.05 -4.53 -13.13
CA PRO A 66 19.97 -5.07 -14.49
C PRO A 66 19.74 -6.59 -14.48
N ASP A 67 18.98 -7.04 -15.47
CA ASP A 67 18.77 -8.48 -15.61
C ASP A 67 20.01 -9.17 -16.18
N ALA A 68 20.66 -8.53 -17.14
CA ALA A 68 21.90 -9.04 -17.71
C ALA A 68 22.71 -7.87 -18.23
N GLY A 69 24.03 -7.98 -18.11
CA GLY A 69 24.92 -6.89 -18.47
C GLY A 69 25.10 -5.90 -17.33
N GLU A 70 26.21 -5.16 -17.39
CA GLU A 70 26.57 -4.27 -16.31
C GLU A 70 26.94 -2.90 -16.85
N VAL A 71 26.80 -1.90 -15.99
CA VAL A 71 27.26 -0.54 -16.27
C VAL A 71 28.52 -0.29 -15.46
N LEU A 72 29.52 0.30 -16.12
CA LEU A 72 30.82 0.53 -15.51
C LEU A 72 31.20 1.99 -15.52
N TRP A 73 31.99 2.38 -14.52
CA TRP A 73 32.35 3.77 -14.23
C TRP A 73 33.81 3.78 -13.78
N GLN A 74 34.70 4.27 -14.65
CA GLN A 74 36.14 4.05 -14.55
C GLN A 74 36.47 2.58 -14.37
N GLY A 75 35.86 1.75 -15.21
CA GLY A 75 36.20 0.35 -15.30
C GLY A 75 35.75 -0.51 -14.13
N GLN A 76 34.87 0.03 -13.30
CA GLN A 76 34.43 -0.67 -12.11
C GLN A 76 32.90 -0.77 -12.09
N PRO A 77 32.33 -1.86 -11.57
CA PRO A 77 30.87 -1.98 -11.51
C PRO A 77 30.28 -1.01 -10.50
N LEU A 78 28.96 -0.79 -10.63
CA LEU A 78 28.29 0.28 -9.93
C LEU A 78 27.94 -0.06 -8.48
N HIS A 79 28.07 -1.31 -8.06
CA HIS A 79 27.67 -1.70 -6.71
C HIS A 79 28.80 -1.61 -5.69
N GLN A 80 30.01 -1.21 -6.10
CA GLN A 80 31.08 -0.89 -5.17
C GLN A 80 31.66 0.50 -5.37
N VAL A 81 31.42 1.14 -6.51
CA VAL A 81 31.92 2.47 -6.81
C VAL A 81 30.87 3.54 -6.48
N ARG A 82 29.82 3.15 -5.73
CA ARG A 82 28.61 3.95 -5.58
C ARG A 82 28.86 5.30 -4.92
N ASP A 83 29.89 5.42 -4.08
CA ASP A 83 30.17 6.69 -3.42
C ASP A 83 30.60 7.76 -4.42
N SER A 84 31.60 7.45 -5.25
CA SER A 84 32.05 8.41 -6.24
C SER A 84 31.01 8.63 -7.34
N TYR A 85 30.25 7.58 -7.67
CA TYR A 85 29.19 7.70 -8.66
C TYR A 85 28.10 8.65 -8.18
N HIS A 86 27.70 8.54 -6.91
CA HIS A 86 26.72 9.46 -6.36
C HIS A 86 27.29 10.84 -6.11
N GLN A 87 28.61 10.96 -5.93
CA GLN A 87 29.23 12.26 -5.78
C GLN A 87 29.25 13.02 -7.11
N ASN A 88 29.46 12.31 -8.22
CA ASN A 88 29.67 12.92 -9.52
C ASN A 88 28.47 12.73 -10.46
N LEU A 89 27.26 12.88 -9.94
CA LEU A 89 26.05 12.69 -10.73
C LEU A 89 24.91 13.52 -10.17
N LEU A 90 24.01 13.96 -11.04
CA LEU A 90 22.66 14.24 -10.60
C LEU A 90 21.68 13.63 -11.59
N TRP A 91 20.50 13.29 -11.07
CA TRP A 91 19.46 12.59 -11.82
C TRP A 91 18.13 13.30 -11.59
N ILE A 92 17.50 13.72 -12.67
CA ILE A 92 16.19 14.36 -12.63
C ILE A 92 15.22 13.50 -13.44
N GLY A 93 14.29 12.85 -12.75
CA GLY A 93 13.34 11.97 -13.39
C GLY A 93 12.02 12.65 -13.69
N HIS A 94 10.98 11.87 -13.91
CA HIS A 94 9.73 12.47 -14.21
C HIS A 94 9.21 13.01 -12.93
N GLN A 95 9.33 12.31 -11.80
CA GLN A 95 8.98 12.91 -10.52
C GLN A 95 9.89 14.10 -10.25
N PRO A 96 9.36 15.19 -9.67
CA PRO A 96 10.19 16.39 -9.47
C PRO A 96 11.37 16.18 -8.54
N GLY A 97 11.26 15.30 -7.55
CA GLY A 97 12.34 15.09 -6.61
C GLY A 97 12.45 16.14 -5.53
N ILE A 98 11.41 16.92 -5.29
CA ILE A 98 11.42 17.96 -4.26
C ILE A 98 10.24 17.75 -3.33
N LYS A 99 10.37 18.24 -2.11
CA LYS A 99 9.27 18.18 -1.15
C LYS A 99 8.20 19.19 -1.52
N THR A 100 6.94 18.75 -1.51
CA THR A 100 5.84 19.67 -1.82
C THR A 100 5.37 20.43 -0.58
N ARG A 101 5.86 20.06 0.60
CA ARG A 101 5.40 20.70 1.83
C ARG A 101 6.13 22.02 2.06
N LEU A 102 7.44 22.05 1.79
CA LEU A 102 8.26 23.21 2.07
C LEU A 102 8.05 24.30 1.03
N THR A 103 8.89 25.33 1.11
CA THR A 103 8.97 26.34 0.08
C THR A 103 10.12 26.01 -0.87
N ALA A 104 10.37 26.90 -1.82
CA ALA A 104 11.40 26.62 -2.82
C ALA A 104 12.80 26.75 -2.26
N LEU A 105 13.00 27.66 -1.30
CA LEU A 105 14.35 28.00 -0.85
C LEU A 105 15.00 26.85 -0.09
N GLU A 106 14.31 26.28 0.90
CA GLU A 106 14.91 25.17 1.63
C GLU A 106 14.85 23.86 0.85
N ASN A 107 13.91 23.72 -0.09
CA ASN A 107 13.95 22.58 -1.00
C ASN A 107 15.20 22.62 -1.87
N LEU A 108 15.60 23.81 -2.31
CA LEU A 108 16.87 23.96 -2.99
C LEU A 108 18.05 23.80 -2.04
N HIS A 109 17.91 24.26 -0.80
CA HIS A 109 18.99 24.20 0.18
C HIS A 109 19.24 22.78 0.70
N PHE A 110 18.30 21.86 0.46
CA PHE A 110 18.55 20.44 0.66
C PHE A 110 19.79 20.01 -0.13
N TYR A 111 19.83 20.34 -1.42
CA TYR A 111 20.95 19.97 -2.25
C TYR A 111 22.16 20.84 -1.89
N HIS A 112 23.30 20.48 -2.49
CA HIS A 112 24.61 20.93 -2.00
C HIS A 112 24.79 22.44 -2.10
N ARG A 113 25.54 22.99 -1.14
CA ARG A 113 25.80 24.42 -0.99
C ARG A 113 24.53 25.24 -0.84
N ASP A 114 24.14 25.95 -1.90
CA ASP A 114 23.14 27.02 -1.88
C ASP A 114 23.49 28.01 -0.77
N GLY A 115 22.59 28.18 0.20
CA GLY A 115 22.89 28.97 1.37
C GLY A 115 23.07 30.46 1.12
N ASP A 116 24.33 30.91 1.19
CA ASP A 116 24.63 32.32 0.97
C ASP A 116 24.39 32.70 -0.48
N THR A 117 24.36 34.02 -0.73
CA THR A 117 23.92 34.56 -2.01
C THR A 117 24.90 34.29 -3.16
N ALA A 118 26.08 33.73 -2.88
CA ALA A 118 26.98 33.34 -3.95
C ALA A 118 26.41 32.24 -4.83
N GLN A 119 25.50 31.43 -4.30
CA GLN A 119 24.73 30.50 -5.13
C GLN A 119 23.26 30.48 -4.77
N CYS A 120 22.75 31.51 -4.11
CA CYS A 120 21.34 31.58 -3.72
C CYS A 120 20.71 32.84 -4.29
N LEU A 121 19.43 32.70 -4.66
CA LEU A 121 18.51 33.66 -5.27
C LEU A 121 18.82 33.94 -6.75
N GLU A 122 20.01 33.57 -7.23
CA GLU A 122 20.29 33.80 -8.64
C GLU A 122 20.34 32.51 -9.44
N ALA A 123 20.56 31.37 -8.80
CA ALA A 123 20.22 30.10 -9.42
C ALA A 123 18.71 29.99 -9.61
N LEU A 124 17.94 30.56 -8.68
CA LEU A 124 16.49 30.66 -8.86
C LEU A 124 16.11 31.80 -9.80
N ALA A 125 16.87 32.89 -9.82
CA ALA A 125 16.57 33.98 -10.76
C ALA A 125 16.86 33.57 -12.20
N GLN A 126 17.90 32.76 -12.42
CA GLN A 126 18.25 32.30 -13.76
C GLN A 126 17.28 31.26 -14.30
N ALA A 127 16.49 30.62 -13.45
CA ALA A 127 15.48 29.67 -13.88
C ALA A 127 14.13 30.32 -14.11
N GLY A 128 14.07 31.65 -14.13
CA GLY A 128 12.80 32.34 -14.28
C GLY A 128 11.97 32.42 -13.03
N LEU A 129 12.54 32.07 -11.88
CA LEU A 129 11.81 32.05 -10.61
C LEU A 129 12.28 33.17 -9.67
N ALA A 130 12.67 34.32 -10.23
CA ALA A 130 13.08 35.45 -9.41
C ALA A 130 11.87 36.06 -8.72
N GLY A 131 12.01 36.27 -7.42
CA GLY A 131 10.91 36.75 -6.60
C GLY A 131 9.99 35.68 -6.06
N PHE A 132 10.39 34.40 -6.14
CA PHE A 132 9.56 33.28 -5.70
C PHE A 132 10.37 32.32 -4.85
N GLU A 133 11.04 32.85 -3.83
CA GLU A 133 11.92 32.02 -3.03
C GLU A 133 11.28 31.54 -1.73
N ASP A 134 10.46 32.37 -1.08
CA ASP A 134 9.85 32.03 0.19
C ASP A 134 8.43 31.49 0.04
N ILE A 135 7.98 31.33 -1.19
CA ILE A 135 6.61 30.88 -1.49
C ILE A 135 6.59 29.35 -1.48
N PRO A 136 5.60 28.72 -0.82
CA PRO A 136 5.53 27.25 -0.86
C PRO A 136 5.33 26.68 -2.26
N VAL A 137 5.59 25.37 -2.39
CA VAL A 137 5.80 24.73 -3.68
C VAL A 137 4.53 24.67 -4.51
N ASN A 138 3.44 24.12 -3.97
CA ASN A 138 2.25 23.93 -4.80
C ASN A 138 1.45 25.21 -4.98
N GLN A 139 1.86 26.29 -4.32
CA GLN A 139 1.45 27.64 -4.68
C GLN A 139 2.25 28.19 -5.86
N LEU A 140 2.90 27.31 -6.61
CA LEU A 140 3.44 27.58 -7.93
C LEU A 140 2.86 26.57 -8.92
N SER A 141 3.05 26.84 -10.21
CA SER A 141 2.51 25.93 -11.22
C SER A 141 3.51 24.88 -11.69
N ALA A 142 3.04 23.71 -12.01
CA ALA A 142 3.85 22.52 -12.24
C ALA A 142 5.08 22.83 -13.07
N GLY A 143 5.00 23.84 -13.94
CA GLY A 143 6.16 24.24 -14.71
C GLY A 143 7.29 24.77 -13.85
N GLN A 144 6.97 25.69 -12.92
CA GLN A 144 7.99 26.16 -12.01
C GLN A 144 8.27 25.17 -10.87
N GLN A 145 7.37 24.23 -10.61
CA GLN A 145 7.73 23.09 -9.77
C GLN A 145 8.83 22.27 -10.41
N ARG A 146 8.80 22.14 -11.74
CA ARG A 146 9.92 21.54 -12.47
C ARG A 146 11.13 22.47 -12.49
N ARG A 147 10.89 23.78 -12.57
CA ARG A 147 11.99 24.74 -12.60
C ARG A 147 12.75 24.82 -11.30
N VAL A 148 12.15 24.40 -10.18
CA VAL A 148 12.92 24.29 -8.93
C VAL A 148 14.00 23.20 -9.06
N ALA A 149 13.60 22.02 -9.53
CA ALA A 149 14.56 20.94 -9.74
C ALA A 149 15.53 21.25 -10.88
N LEU A 150 15.12 22.11 -11.81
CA LEU A 150 16.03 22.56 -12.86
C LEU A 150 16.97 23.67 -12.38
N ALA A 151 16.56 24.47 -11.40
CA ALA A 151 17.43 25.44 -10.78
C ALA A 151 18.41 24.79 -9.84
N ARG A 152 18.10 23.58 -9.37
CA ARG A 152 19.12 22.74 -8.76
C ARG A 152 20.29 22.51 -9.70
N LEU A 153 20.01 22.42 -10.99
CA LEU A 153 21.03 22.04 -11.97
C LEU A 153 22.03 23.17 -12.22
N TRP A 154 21.65 24.42 -11.93
CA TRP A 154 22.56 25.54 -12.11
C TRP A 154 23.57 25.69 -10.97
N LEU A 155 23.37 25.03 -9.83
CA LEU A 155 24.28 25.20 -8.69
C LEU A 155 25.03 23.92 -8.34
N THR A 156 24.90 22.86 -9.14
CA THR A 156 25.63 21.62 -8.88
C THR A 156 26.93 21.60 -9.68
N ARG A 157 27.89 20.83 -9.16
CA ARG A 157 29.18 20.64 -9.82
C ARG A 157 29.37 19.19 -10.25
N ALA A 158 28.27 18.45 -10.43
CA ALA A 158 28.36 17.05 -10.82
C ALA A 158 28.74 16.94 -12.28
N THR A 159 29.68 16.02 -12.58
CA THR A 159 30.14 15.86 -13.95
C THR A 159 29.10 15.15 -14.83
N LEU A 160 28.31 14.25 -14.25
CA LEU A 160 27.37 13.43 -15.02
C LEU A 160 25.95 13.92 -14.75
N TRP A 161 25.37 14.55 -15.76
CA TRP A 161 23.98 14.99 -15.74
C TRP A 161 23.13 13.91 -16.39
N ILE A 162 22.07 13.49 -15.71
CA ILE A 162 21.10 12.55 -16.30
C ILE A 162 19.73 13.17 -16.08
N LEU A 163 19.01 13.47 -17.17
CA LEU A 163 17.75 14.19 -17.10
C LEU A 163 16.69 13.44 -17.89
N ASP A 164 15.75 13.03 -17.18
CA ASP A 164 14.79 12.52 -17.95
C ASP A 164 14.05 13.74 -18.22
N GLN A 165 13.18 13.67 -19.12
CA GLN A 165 12.20 14.70 -19.49
C GLN A 165 12.44 16.03 -18.78
N PRO A 166 13.50 16.76 -19.11
CA PRO A 166 13.64 18.11 -18.52
C PRO A 166 12.74 19.14 -19.16
N PHE A 167 12.42 18.98 -20.45
CA PHE A 167 11.59 19.95 -21.17
C PHE A 167 10.13 19.51 -21.04
N THR A 168 9.66 19.45 -19.78
CA THR A 168 8.29 19.09 -19.49
C THR A 168 7.63 20.26 -18.79
N ALA A 169 6.53 20.77 -19.37
CA ALA A 169 5.83 21.96 -18.91
C ALA A 169 6.76 23.16 -18.80
N ILE A 170 7.61 23.35 -19.81
CA ILE A 170 8.63 24.37 -19.82
C ILE A 170 8.34 25.33 -20.98
N ASP A 171 8.48 26.63 -20.73
CA ASP A 171 8.14 27.66 -21.69
C ASP A 171 9.02 27.58 -22.93
N VAL A 172 8.64 28.35 -23.97
CA VAL A 172 9.47 28.43 -25.17
C VAL A 172 10.77 29.15 -24.88
N ASN A 173 10.78 30.09 -23.91
CA ASN A 173 12.02 30.70 -23.47
C ASN A 173 12.83 29.77 -22.58
N GLY A 174 12.15 28.95 -21.78
CA GLY A 174 12.84 28.04 -20.90
C GLY A 174 13.61 26.95 -21.62
N VAL A 175 13.17 26.60 -22.83
CA VAL A 175 13.91 25.63 -23.64
C VAL A 175 15.29 26.16 -23.99
N ASP A 176 15.35 27.40 -24.49
CA ASP A 176 16.64 28.00 -24.81
C ASP A 176 17.45 28.27 -23.55
N ARG A 177 16.79 28.68 -22.46
CA ARG A 177 17.49 28.94 -21.20
C ARG A 177 18.14 27.68 -20.66
N LEU A 178 17.45 26.54 -20.76
CA LEU A 178 18.06 25.26 -20.41
C LEU A 178 19.19 24.92 -21.37
N THR A 179 18.92 25.00 -22.68
CA THR A 179 19.83 24.43 -23.68
C THR A 179 21.16 25.19 -23.75
N GLN A 180 21.15 26.49 -23.50
CA GLN A 180 22.40 27.24 -23.43
C GLN A 180 23.29 26.74 -22.29
N ARG A 181 22.70 26.52 -21.12
CA ARG A 181 23.44 25.95 -19.99
C ARG A 181 23.89 24.52 -20.29
N MET A 182 23.05 23.76 -20.99
CA MET A 182 23.35 22.38 -21.32
C MET A 182 24.59 22.30 -22.22
N ALA A 183 24.63 23.18 -23.24
CA ALA A 183 25.78 23.26 -24.13
C ALA A 183 27.01 23.79 -23.40
N GLN A 184 26.83 24.77 -22.51
CA GLN A 184 27.94 25.31 -21.74
C GLN A 184 28.57 24.23 -20.85
N HIS A 185 27.74 23.36 -20.29
CA HIS A 185 28.28 22.18 -19.60
C HIS A 185 28.99 21.25 -20.58
N THR A 186 28.44 21.11 -21.79
CA THR A 186 29.05 20.22 -22.78
C THR A 186 30.44 20.71 -23.22
N GLU A 187 30.73 22.02 -23.14
CA GLU A 187 32.07 22.49 -23.49
C GLU A 187 33.14 21.96 -22.53
N GLN A 188 32.94 22.14 -21.23
CA GLN A 188 33.99 21.84 -20.25
C GLN A 188 33.84 20.41 -19.70
N GLY A 189 33.85 19.46 -20.63
CA GLY A 189 33.89 18.04 -20.26
C GLY A 189 32.68 17.54 -19.49
N GLY A 190 31.49 17.96 -19.88
CA GLY A 190 30.29 17.57 -19.18
C GLY A 190 29.49 16.50 -19.90
N ILE A 191 29.34 15.34 -19.28
CA ILE A 191 28.61 14.23 -19.88
C ILE A 191 27.15 14.31 -19.46
N VAL A 192 26.26 14.44 -20.44
CA VAL A 192 24.84 14.61 -20.18
C VAL A 192 24.05 13.58 -20.98
N ILE A 193 23.11 12.91 -20.30
CA ILE A 193 22.22 11.93 -20.90
C ILE A 193 20.80 12.43 -20.66
N LEU A 194 20.15 12.95 -21.70
CA LEU A 194 18.78 13.42 -21.58
C LEU A 194 17.83 12.54 -22.38
N THR A 195 16.61 12.43 -21.88
CA THR A 195 15.51 11.84 -22.63
C THR A 195 14.46 12.92 -22.84
N THR A 196 14.08 13.16 -24.10
CA THR A 196 13.14 14.23 -24.39
C THR A 196 12.37 13.91 -25.66
N HIS A 197 11.26 14.62 -25.84
CA HIS A 197 10.41 14.46 -27.02
C HIS A 197 10.39 15.69 -27.91
N GLN A 198 10.42 16.89 -27.34
CA GLN A 198 10.47 18.10 -28.13
C GLN A 198 11.82 18.22 -28.83
N PRO A 199 11.83 18.68 -30.08
CA PRO A 199 13.10 18.83 -30.80
C PRO A 199 13.96 19.94 -30.23
N LEU A 200 15.27 19.74 -30.33
CA LEU A 200 16.23 20.69 -29.80
C LEU A 200 16.67 21.66 -30.88
N ASN A 201 17.06 22.86 -30.46
CA ASN A 201 17.65 23.84 -31.36
C ASN A 201 19.17 23.71 -31.42
N VAL A 202 19.62 22.48 -31.63
CA VAL A 202 21.04 22.13 -31.68
C VAL A 202 21.30 21.40 -32.98
N ALA A 203 22.42 21.72 -33.64
CA ALA A 203 22.84 20.97 -34.81
C ALA A 203 23.15 19.53 -34.44
N GLU A 204 22.88 18.61 -35.38
CA GLU A 204 22.99 17.18 -35.10
C GLU A 204 24.44 16.74 -34.90
N SER A 205 25.42 17.55 -35.33
CA SER A 205 26.82 17.19 -35.11
C SER A 205 27.20 17.26 -33.64
N LYS A 206 26.57 18.15 -32.87
CA LYS A 206 26.91 18.30 -31.47
C LYS A 206 26.37 17.15 -30.62
N ILE A 207 25.14 16.71 -30.90
CA ILE A 207 24.45 15.74 -30.08
C ILE A 207 24.63 14.34 -30.67
N ARG A 208 25.06 13.41 -29.82
CA ARG A 208 25.06 11.99 -30.17
C ARG A 208 23.65 11.44 -29.95
N ARG A 209 23.35 10.33 -30.62
CA ARG A 209 22.04 9.69 -30.54
C ARG A 209 22.23 8.19 -30.30
N ILE A 210 22.27 7.80 -29.04
CA ILE A 210 22.30 6.38 -28.68
C ILE A 210 20.88 5.85 -28.84
N SER A 211 20.62 5.22 -29.99
CA SER A 211 19.29 4.70 -30.27
C SER A 211 19.09 3.36 -29.57
N LEU A 212 17.89 3.17 -29.02
CA LEU A 212 17.54 1.91 -28.39
C LEU A 212 17.33 0.88 -29.49
N THR A 213 18.23 -0.09 -29.58
CA THR A 213 18.24 -1.04 -30.69
C THR A 213 17.09 -2.02 -30.55
N GLN A 214 15.96 -1.69 -31.19
CA GLN A 214 14.76 -2.53 -31.26
C GLN A 214 14.22 -2.93 -29.90
N MET B 2 25.53 16.06 5.98
CA MET B 2 24.45 15.49 5.18
C MET B 2 23.58 14.54 5.99
N PHE B 3 24.16 13.98 7.05
CA PHE B 3 23.40 13.16 8.00
C PHE B 3 22.44 14.05 8.78
N TRP B 4 22.98 15.01 9.52
CA TRP B 4 22.15 15.88 10.33
C TRP B 4 21.32 16.85 9.48
N ARG B 5 21.79 17.14 8.26
CA ARG B 5 20.95 17.89 7.32
C ARG B 5 19.72 17.09 6.92
N ILE B 6 19.88 15.78 6.69
CA ILE B 6 18.73 14.92 6.42
C ILE B 6 17.80 14.89 7.62
N PHE B 7 18.36 14.77 8.83
CA PHE B 7 17.54 14.72 10.03
C PHE B 7 16.76 16.01 10.25
N ARG B 8 17.42 17.16 10.08
CA ARG B 8 16.76 18.45 10.23
C ARG B 8 15.71 18.66 9.15
N LEU B 9 15.99 18.23 7.92
CA LEU B 9 15.01 18.34 6.85
C LEU B 9 13.78 17.49 7.11
N GLU B 10 13.99 16.25 7.59
CA GLU B 10 12.84 15.38 7.88
C GLU B 10 12.02 15.92 9.03
N LEU B 11 12.68 16.48 10.05
CA LEU B 11 11.94 17.12 11.14
C LEU B 11 11.17 18.34 10.65
N ARG B 12 11.78 19.13 9.75
CA ARG B 12 11.10 20.30 9.20
C ARG B 12 9.89 19.91 8.36
N VAL B 13 10.04 18.87 7.53
CA VAL B 13 8.93 18.44 6.68
C VAL B 13 7.86 17.69 7.46
N ALA B 14 8.20 17.14 8.63
CA ALA B 14 7.17 16.58 9.50
C ALA B 14 6.43 17.68 10.26
N PHE B 15 7.12 18.72 10.69
CA PHE B 15 6.45 19.81 11.40
C PHE B 15 5.65 20.68 10.45
N ARG B 16 6.05 20.75 9.18
CA ARG B 16 5.27 21.48 8.17
C ARG B 16 3.96 20.76 7.87
N HIS B 17 3.92 19.45 8.08
CA HIS B 17 2.74 18.64 7.86
C HIS B 17 1.99 18.38 9.17
N SER B 18 1.92 19.38 10.06
CA SER B 18 1.25 19.21 11.35
C SER B 18 -0.26 19.03 11.15
N ALA B 19 -0.70 17.77 11.28
CA ALA B 19 -2.03 17.30 10.91
C ALA B 19 -2.04 15.78 11.09
N GLU B 20 -1.05 15.12 10.49
CA GLU B 20 -0.83 13.69 10.69
C GLU B 20 -0.07 13.46 11.99
N ILE B 21 0.39 14.55 12.63
CA ILE B 21 1.04 14.45 13.92
C ILE B 21 0.03 14.44 15.07
N ALA B 22 -1.19 14.92 14.84
CA ALA B 22 -2.18 15.04 15.90
C ALA B 22 -3.13 13.85 15.97
N ASN B 23 -3.37 13.16 14.85
CA ASN B 23 -4.25 12.00 14.86
C ASN B 23 -3.76 10.86 15.75
N PRO B 24 -2.48 10.45 15.74
CA PRO B 24 -2.07 9.42 16.72
C PRO B 24 -2.05 9.92 18.16
N LEU B 25 -1.72 11.21 18.39
CA LEU B 25 -1.74 11.75 19.74
C LEU B 25 -3.16 11.77 20.30
N TRP B 26 -4.12 12.24 19.50
CA TRP B 26 -5.50 12.18 19.93
C TRP B 26 -6.05 10.76 19.95
N PHE B 27 -5.41 9.82 19.24
CA PHE B 27 -5.81 8.42 19.37
C PHE B 27 -5.35 7.82 20.70
N PHE B 28 -4.13 8.13 21.12
CA PHE B 28 -3.68 7.78 22.47
C PHE B 28 -4.61 8.40 23.51
N LEU B 29 -4.98 9.67 23.31
CA LEU B 29 -5.90 10.33 24.22
C LEU B 29 -7.28 9.68 24.23
N ILE B 30 -7.79 9.29 23.06
CA ILE B 30 -9.14 8.73 23.01
C ILE B 30 -9.19 7.35 23.65
N VAL B 31 -8.13 6.55 23.50
CA VAL B 31 -8.11 5.24 24.13
C VAL B 31 -7.99 5.39 25.65
N ILE B 32 -7.07 6.26 26.10
CA ILE B 32 -6.81 6.44 27.53
C ILE B 32 -8.03 7.06 28.21
N THR B 33 -8.74 7.96 27.53
CA THR B 33 -9.98 8.50 28.07
C THR B 33 -11.08 7.46 28.05
N LEU B 34 -11.19 6.68 26.97
CA LEU B 34 -12.36 5.85 26.76
C LEU B 34 -12.40 4.66 27.72
N PHE B 35 -11.25 4.00 27.95
CA PHE B 35 -11.30 2.71 28.66
C PHE B 35 -11.80 2.80 30.10
N PRO B 36 -11.29 3.68 30.98
CA PRO B 36 -11.85 3.69 32.35
C PRO B 36 -13.26 4.23 32.44
N LEU B 37 -13.63 5.21 31.61
CA LEU B 37 -15.00 5.72 31.66
C LEU B 37 -15.99 4.73 31.10
N SER B 38 -15.57 3.90 30.13
CA SER B 38 -16.45 2.86 29.62
C SER B 38 -16.59 1.72 30.61
N ILE B 39 -15.48 1.32 31.24
CA ILE B 39 -15.53 0.16 32.13
C ILE B 39 -16.13 0.54 33.48
N GLY B 40 -15.55 1.54 34.14
CA GLY B 40 -16.04 1.96 35.44
C GLY B 40 -14.97 2.61 36.28
N PRO B 41 -15.39 3.40 37.28
CA PRO B 41 -14.44 4.11 38.15
C PRO B 41 -13.91 3.29 39.32
N GLU B 42 -14.07 1.98 39.32
CA GLU B 42 -13.55 1.17 40.42
C GLU B 42 -12.03 1.08 40.32
N PRO B 43 -11.30 1.46 41.37
CA PRO B 43 -9.83 1.48 41.28
C PRO B 43 -9.16 0.15 41.52
N GLN B 44 -9.92 -0.91 41.82
CA GLN B 44 -9.31 -2.22 42.07
C GLN B 44 -8.81 -2.86 40.78
N LEU B 45 -9.56 -2.71 39.69
CA LEU B 45 -9.19 -3.30 38.41
C LEU B 45 -8.41 -2.35 37.51
N LEU B 46 -8.50 -1.04 37.76
CA LEU B 46 -7.78 -0.06 36.95
C LEU B 46 -6.27 -0.23 37.09
N ALA B 47 -5.80 -0.56 38.31
CA ALA B 47 -4.38 -0.71 38.57
C ALA B 47 -3.76 -1.88 37.82
N ARG B 48 -4.57 -2.85 37.39
CA ARG B 48 -4.07 -3.96 36.61
C ARG B 48 -4.28 -3.68 35.13
N ILE B 49 -5.40 -3.04 34.77
CA ILE B 49 -5.68 -2.80 33.36
C ILE B 49 -4.87 -1.65 32.77
N ALA B 50 -4.26 -0.80 33.60
CA ALA B 50 -3.53 0.35 33.08
C ALA B 50 -2.30 -0.01 32.24
N PRO B 51 -1.40 -0.94 32.65
CA PRO B 51 -0.28 -1.28 31.75
C PRO B 51 -0.69 -1.84 30.41
N GLY B 52 -1.78 -2.61 30.37
CA GLY B 52 -2.24 -3.13 29.08
C GLY B 52 -2.79 -2.05 28.18
N ILE B 53 -3.68 -1.22 28.72
CA ILE B 53 -4.36 -0.21 27.93
C ILE B 53 -3.37 0.83 27.41
N ILE B 54 -2.45 1.28 28.28
CA ILE B 54 -1.49 2.30 27.90
C ILE B 54 -0.58 1.81 26.77
N TRP B 55 -0.05 0.60 26.90
CA TRP B 55 0.89 0.14 25.88
C TRP B 55 0.22 -0.31 24.60
N VAL B 56 -1.02 -0.83 24.65
CA VAL B 56 -1.72 -1.08 23.40
C VAL B 56 -2.07 0.23 22.71
N ALA B 57 -2.43 1.27 23.47
CA ALA B 57 -2.67 2.58 22.87
C ALA B 57 -1.40 3.13 22.23
N ALA B 58 -0.25 2.95 22.88
CA ALA B 58 1.02 3.38 22.30
C ALA B 58 1.34 2.60 21.03
N LEU B 59 1.09 1.28 21.03
CA LEU B 59 1.34 0.45 19.87
C LEU B 59 0.51 0.91 18.68
N LEU B 60 -0.80 1.10 18.89
CA LEU B 60 -1.68 1.48 17.79
C LEU B 60 -1.47 2.93 17.37
N SER B 61 -1.07 3.81 18.29
CA SER B 61 -0.74 5.18 17.91
C SER B 61 0.50 5.25 17.05
N SER B 62 1.55 4.51 17.41
CA SER B 62 2.73 4.47 16.57
C SER B 62 2.45 3.79 15.23
N LEU B 63 1.54 2.81 15.22
CA LEU B 63 1.08 2.22 13.97
C LEU B 63 0.39 3.25 13.09
N LEU B 64 -0.46 4.08 13.69
CA LEU B 64 -1.14 5.14 12.93
C LEU B 64 -0.15 6.16 12.39
N ALA B 65 0.86 6.51 13.18
CA ALA B 65 1.86 7.48 12.74
C ALA B 65 2.86 6.90 11.75
N LEU B 66 2.99 5.56 11.70
CA LEU B 66 4.01 4.91 10.90
C LEU B 66 3.76 5.00 9.40
N GLU B 67 2.57 5.43 8.97
CA GLU B 67 2.27 5.44 7.54
C GLU B 67 2.97 6.58 6.81
N ARG B 68 3.24 7.70 7.50
CA ARG B 68 3.79 8.87 6.81
C ARG B 68 5.30 8.73 6.62
N LEU B 69 5.91 7.69 7.21
CA LEU B 69 7.36 7.53 7.23
C LEU B 69 7.94 7.37 5.84
N PHE B 70 7.31 6.57 4.98
CA PHE B 70 7.83 6.35 3.64
C PHE B 70 6.79 6.45 2.53
N ARG B 71 5.52 6.73 2.85
CA ARG B 71 4.50 6.81 1.80
C ARG B 71 4.62 8.09 1.00
N ASP B 72 4.89 9.23 1.66
CA ASP B 72 4.88 10.50 0.97
C ASP B 72 6.14 10.70 0.13
N ASP B 73 7.22 9.97 0.44
CA ASP B 73 8.48 10.21 -0.25
C ASP B 73 8.52 9.63 -1.66
N LEU B 74 7.82 8.51 -1.90
CA LEU B 74 7.84 7.92 -3.22
C LEU B 74 6.98 8.71 -4.20
N GLN B 75 5.83 9.22 -3.74
CA GLN B 75 4.93 9.96 -4.61
C GLN B 75 5.55 11.29 -5.06
N ASP B 76 6.28 11.95 -4.17
CA ASP B 76 7.02 13.15 -4.55
C ASP B 76 8.33 12.83 -5.26
N GLY B 77 8.76 11.57 -5.25
CA GLY B 77 9.99 11.20 -5.91
C GLY B 77 11.26 11.58 -5.18
N SER B 78 11.15 12.04 -3.94
CA SER B 78 12.34 12.45 -3.18
C SER B 78 13.16 11.26 -2.70
N LEU B 79 12.57 10.06 -2.66
CA LEU B 79 13.32 8.88 -2.22
C LEU B 79 14.34 8.45 -3.27
N GLU B 80 14.02 8.61 -4.55
CA GLU B 80 14.95 8.33 -5.63
C GLU B 80 16.17 9.22 -5.60
N GLN B 81 16.06 10.42 -5.02
CA GLN B 81 17.20 11.28 -4.77
C GLN B 81 17.87 11.02 -3.43
N LEU B 82 17.09 10.65 -2.40
CA LEU B 82 17.64 10.31 -1.09
C LEU B 82 18.56 9.11 -1.16
N MET B 83 18.26 8.16 -2.05
CA MET B 83 19.18 7.05 -2.27
C MET B 83 20.47 7.49 -2.97
N LEU B 84 20.47 8.67 -3.60
CA LEU B 84 21.57 9.11 -4.45
C LEU B 84 22.48 10.14 -3.80
N LEU B 85 22.30 10.46 -2.51
CA LEU B 85 23.26 11.31 -1.83
C LEU B 85 24.51 10.51 -1.41
N PRO B 86 25.69 11.16 -1.34
CA PRO B 86 26.93 10.41 -1.07
C PRO B 86 27.07 9.92 0.36
N LEU B 87 26.15 9.07 0.81
CA LEU B 87 26.24 8.37 2.09
C LEU B 87 25.30 7.19 2.03
N PRO B 88 25.60 6.09 2.74
CA PRO B 88 24.80 4.85 2.57
C PRO B 88 23.34 5.02 2.96
N LEU B 89 22.49 4.32 2.21
CA LEU B 89 21.05 4.33 2.47
C LEU B 89 20.63 3.89 3.87
N PRO B 90 21.25 2.88 4.53
CA PRO B 90 20.86 2.58 5.92
C PRO B 90 21.00 3.75 6.89
N ALA B 91 21.99 4.63 6.70
CA ALA B 91 22.11 5.79 7.58
C ALA B 91 20.99 6.80 7.31
N VAL B 92 20.57 6.93 6.05
CA VAL B 92 19.40 7.74 5.72
C VAL B 92 18.15 7.17 6.39
N VAL B 93 18.03 5.84 6.37
CA VAL B 93 16.92 5.16 7.03
C VAL B 93 16.94 5.44 8.53
N LEU B 94 18.13 5.37 9.14
CA LEU B 94 18.27 5.62 10.57
C LEU B 94 17.89 7.05 10.91
N ALA B 95 18.33 8.02 10.10
CA ALA B 95 18.00 9.41 10.33
C ALA B 95 16.50 9.66 10.19
N LYS B 96 15.87 9.06 9.18
CA LYS B 96 14.44 9.27 8.98
C LYS B 96 13.61 8.64 10.08
N VAL B 97 13.99 7.44 10.53
CA VAL B 97 13.25 6.81 11.62
C VAL B 97 13.51 7.53 12.95
N MET B 98 14.71 8.10 13.13
CA MET B 98 14.96 8.92 14.31
C MET B 98 14.11 10.18 14.30
N ALA B 99 13.92 10.79 13.13
CA ALA B 99 13.01 11.93 13.02
C ALA B 99 11.57 11.51 13.26
N HIS B 100 11.21 10.29 12.83
CA HIS B 100 9.89 9.72 13.11
C HIS B 100 9.64 9.58 14.60
N TRP B 101 10.64 9.08 15.33
CA TRP B 101 10.49 8.96 16.78
C TRP B 101 10.44 10.33 17.44
N MET B 102 11.26 11.27 16.97
CA MET B 102 11.35 12.57 17.60
C MET B 102 10.11 13.42 17.36
N VAL B 103 9.39 13.19 16.25
CA VAL B 103 8.25 14.06 15.96
C VAL B 103 6.97 13.53 16.60
N THR B 104 6.88 12.22 16.83
CA THR B 104 5.64 11.63 17.32
C THR B 104 5.81 10.83 18.61
N GLY B 105 6.88 10.04 18.73
CA GLY B 105 7.06 9.23 19.91
C GLY B 105 7.42 10.03 21.16
N LEU B 106 8.12 11.14 20.99
CA LEU B 106 8.48 12.01 22.10
C LEU B 106 7.28 12.81 22.65
N PRO B 107 6.28 13.21 21.83
CA PRO B 107 5.03 13.69 22.43
C PRO B 107 4.33 12.68 23.35
N LEU B 108 4.48 11.37 23.13
CA LEU B 108 3.93 10.41 24.08
C LEU B 108 4.62 10.52 25.45
N LEU B 109 5.95 10.66 25.44
CA LEU B 109 6.68 10.87 26.69
C LEU B 109 6.31 12.20 27.33
N ILE B 110 6.10 13.23 26.50
CA ILE B 110 5.74 14.54 27.01
C ILE B 110 4.36 14.52 27.65
N LEU B 111 3.42 13.76 27.07
CA LEU B 111 2.05 13.70 27.55
C LEU B 111 1.80 12.64 28.61
N SER B 112 2.75 11.74 28.85
CA SER B 112 2.54 10.65 29.79
C SER B 112 2.31 11.11 31.23
N PRO B 113 2.76 12.32 31.62
CA PRO B 113 2.23 12.94 32.83
C PRO B 113 0.72 12.90 32.97
N LEU B 114 0.01 13.48 32.00
CA LEU B 114 -1.45 13.52 32.04
C LEU B 114 -2.06 12.13 31.91
N VAL B 115 -1.38 11.23 31.19
CA VAL B 115 -1.88 9.86 31.08
C VAL B 115 -1.79 9.14 32.42
N ALA B 116 -0.69 9.34 33.15
CA ALA B 116 -0.56 8.74 34.48
C ALA B 116 -1.55 9.35 35.46
N MET B 117 -1.73 10.67 35.43
CA MET B 117 -2.69 11.28 36.36
C MET B 117 -4.14 11.03 35.98
N LEU B 118 -4.42 10.62 34.74
CA LEU B 118 -5.78 10.35 34.33
C LEU B 118 -6.32 9.04 34.90
N LEU B 119 -5.45 8.15 35.37
CA LEU B 119 -5.86 6.81 35.77
C LEU B 119 -5.18 6.31 37.04
N GLY B 120 -4.58 7.20 37.84
CA GLY B 120 -4.02 6.80 39.11
C GLY B 120 -2.51 6.75 39.16
N MET B 121 -1.97 5.54 39.38
CA MET B 121 -0.54 5.25 39.48
C MET B 121 0.16 6.00 40.61
N ASP B 122 1.47 5.79 40.75
CA ASP B 122 2.28 6.42 41.77
C ASP B 122 3.45 7.13 41.11
N VAL B 123 4.37 7.66 41.93
CA VAL B 123 5.57 8.29 41.41
C VAL B 123 6.50 7.27 40.79
N TYR B 124 6.72 6.14 41.49
CA TYR B 124 7.53 5.06 40.94
C TYR B 124 6.87 4.42 39.73
N GLY B 125 5.54 4.26 39.78
CA GLY B 125 4.82 3.75 38.62
C GLY B 125 4.94 4.68 37.43
N TRP B 126 4.89 5.99 37.67
CA TRP B 126 5.09 6.96 36.59
C TRP B 126 6.51 6.92 36.05
N GLN B 127 7.50 6.69 36.93
CA GLN B 127 8.88 6.59 36.48
C GLN B 127 9.07 5.37 35.57
N VAL B 128 8.49 4.23 35.95
CA VAL B 128 8.60 3.04 35.11
C VAL B 128 7.80 3.22 33.82
N MET B 129 6.65 3.89 33.90
CA MET B 129 5.89 4.32 32.73
C MET B 129 6.76 5.07 31.72
N ALA B 130 7.36 6.18 32.17
CA ALA B 130 8.14 7.02 31.27
C ALA B 130 9.37 6.28 30.74
N LEU B 131 10.04 5.51 31.59
CA LEU B 131 11.25 4.84 31.15
C LEU B 131 10.93 3.70 30.18
N THR B 132 9.83 2.98 30.42
CA THR B 132 9.41 1.92 29.49
C THR B 132 8.99 2.50 28.16
N LEU B 133 8.25 3.63 28.16
CA LEU B 133 7.87 4.24 26.89
C LEU B 133 9.10 4.75 26.14
N LEU B 134 10.06 5.34 26.86
CA LEU B 134 11.31 5.79 26.25
C LEU B 134 12.09 4.63 25.65
N LEU B 135 12.15 3.50 26.34
CA LEU B 135 12.91 2.36 25.83
C LEU B 135 12.15 1.59 24.75
N GLY B 136 10.83 1.75 24.69
CA GLY B 136 10.05 0.93 23.79
C GLY B 136 9.57 1.59 22.51
N THR B 137 9.46 2.92 22.49
CA THR B 137 8.93 3.55 21.28
C THR B 137 9.96 3.61 20.14
N PRO B 138 11.26 3.88 20.40
CA PRO B 138 12.26 3.61 19.34
C PRO B 138 12.29 2.15 18.90
N THR B 139 12.08 1.21 19.82
CA THR B 139 12.00 -0.19 19.46
C THR B 139 10.82 -0.44 18.53
N LEU B 140 9.68 0.17 18.83
CA LEU B 140 8.48 0.06 18.00
C LEU B 140 8.72 0.64 16.61
N GLY B 141 9.37 1.81 16.54
CA GLY B 141 9.65 2.41 15.24
C GLY B 141 10.62 1.58 14.40
N PHE B 142 11.67 1.06 15.03
CA PHE B 142 12.61 0.19 14.32
C PHE B 142 11.94 -1.09 13.86
N LEU B 143 11.07 -1.66 14.69
CA LEU B 143 10.38 -2.90 14.31
C LEU B 143 9.37 -2.67 13.20
N GLY B 144 8.74 -1.49 13.16
CA GLY B 144 7.78 -1.20 12.12
C GLY B 144 8.33 -0.58 10.86
N ALA B 145 9.59 -0.18 10.87
CA ALA B 145 10.23 0.33 9.64
C ALA B 145 10.27 -0.67 8.48
N PRO B 146 10.65 -1.96 8.65
CA PRO B 146 10.69 -2.84 7.46
C PRO B 146 9.34 -3.09 6.82
N GLY B 147 8.24 -3.09 7.58
CA GLY B 147 6.93 -3.24 6.95
C GLY B 147 6.57 -2.07 6.05
N VAL B 148 6.87 -0.86 6.51
CA VAL B 148 6.63 0.33 5.69
C VAL B 148 7.56 0.35 4.49
N ALA B 149 8.81 -0.11 4.68
CA ALA B 149 9.75 -0.18 3.55
C ALA B 149 9.33 -1.25 2.54
N LEU B 150 8.59 -2.26 2.98
CA LEU B 150 8.03 -3.22 2.03
C LEU B 150 6.83 -2.63 1.32
N THR B 151 6.01 -1.85 2.02
CA THR B 151 4.84 -1.22 1.42
C THR B 151 5.13 0.25 1.11
N VAL B 152 5.85 0.46 0.01
CA VAL B 152 6.09 1.80 -0.54
C VAL B 152 5.39 1.99 -1.88
N GLY B 153 5.75 1.17 -2.87
CA GLY B 153 5.14 1.27 -4.19
C GLY B 153 3.67 0.91 -4.22
N LEU B 154 3.20 0.16 -3.23
CA LEU B 154 1.79 -0.12 -3.10
C LEU B 154 1.02 1.14 -2.73
N LYS B 155 -0.23 1.19 -3.17
CA LYS B 155 -1.14 2.28 -2.81
C LYS B 155 -2.05 1.90 -1.65
N ARG B 156 -1.82 0.74 -1.04
CA ARG B 156 -2.61 0.30 0.11
C ARG B 156 -2.18 1.08 1.35
N GLY B 157 -3.10 1.86 1.90
CA GLY B 157 -2.83 2.60 3.12
C GLY B 157 -3.71 2.13 4.27
N GLY B 158 -3.88 0.81 4.38
CA GLY B 158 -4.80 0.27 5.34
C GLY B 158 -4.22 -0.78 6.28
N VAL B 159 -4.83 -1.98 6.27
CA VAL B 159 -4.54 -2.98 7.29
C VAL B 159 -3.29 -3.79 6.99
N LEU B 160 -2.71 -3.66 5.79
CA LEU B 160 -1.57 -4.49 5.41
C LEU B 160 -0.34 -4.18 6.24
N LEU B 161 -0.07 -2.89 6.49
CA LEU B 161 1.08 -2.52 7.31
C LEU B 161 0.92 -3.01 8.73
N SER B 162 -0.31 -2.95 9.26
CA SER B 162 -0.59 -3.50 10.58
C SER B 162 -0.33 -5.00 10.64
N ILE B 163 -0.78 -5.73 9.62
CA ILE B 163 -0.60 -7.17 9.56
C ILE B 163 0.89 -7.52 9.50
N LEU B 164 1.66 -6.73 8.75
CA LEU B 164 3.09 -6.99 8.65
C LEU B 164 3.82 -6.65 9.94
N VAL B 165 3.38 -5.62 10.66
CA VAL B 165 4.19 -5.08 11.76
C VAL B 165 3.83 -5.73 13.10
N LEU B 166 2.54 -5.78 13.46
CA LEU B 166 2.15 -6.08 14.84
C LEU B 166 2.58 -7.44 15.40
N PRO B 167 2.56 -8.56 14.66
CA PRO B 167 3.16 -9.79 15.20
C PRO B 167 4.64 -9.67 15.51
N LEU B 168 5.37 -8.77 14.84
CA LEU B 168 6.78 -8.57 15.17
C LEU B 168 6.95 -7.81 16.47
N THR B 169 6.03 -6.89 16.78
CA THR B 169 6.12 -6.06 17.98
C THR B 169 5.35 -6.63 19.15
N ILE B 170 4.73 -7.80 19.00
CA ILE B 170 4.10 -8.50 20.13
C ILE B 170 5.03 -8.72 21.33
N PRO B 171 6.29 -9.23 21.19
CA PRO B 171 7.08 -9.45 22.41
C PRO B 171 7.49 -8.18 23.14
N LEU B 172 7.71 -7.09 22.41
CA LEU B 172 7.94 -5.79 23.05
C LEU B 172 6.75 -5.39 23.92
N LEU B 173 5.54 -5.60 23.38
CA LEU B 173 4.32 -5.33 24.12
C LEU B 173 4.23 -6.18 25.39
N ILE B 174 4.51 -7.47 25.26
CA ILE B 174 4.42 -8.39 26.40
C ILE B 174 5.42 -8.01 27.49
N PHE B 175 6.67 -7.76 27.09
CA PHE B 175 7.71 -7.44 28.06
C PHE B 175 7.48 -6.10 28.74
N ALA B 176 7.04 -5.09 27.99
CA ALA B 176 6.79 -3.78 28.58
C ALA B 176 5.59 -3.81 29.52
N THR B 177 4.53 -4.51 29.12
CA THR B 177 3.36 -4.64 30.00
C THR B 177 3.71 -5.42 31.26
N ALA B 178 4.54 -6.45 31.15
CA ALA B 178 5.00 -7.18 32.33
C ALA B 178 5.84 -6.29 33.23
N ALA B 179 6.68 -5.43 32.64
CA ALA B 179 7.50 -4.52 33.43
C ALA B 179 6.63 -3.54 34.21
N MET B 180 5.63 -2.95 33.56
CA MET B 180 4.76 -2.00 34.25
C MET B 180 3.88 -2.68 35.28
N ASP B 181 3.41 -3.90 35.00
CA ASP B 181 2.59 -4.62 35.96
C ASP B 181 3.39 -5.03 37.19
N ALA B 182 4.64 -5.48 36.99
CA ALA B 182 5.48 -5.82 38.13
C ALA B 182 5.93 -4.57 38.88
N ALA B 183 5.97 -3.41 38.21
CA ALA B 183 6.23 -2.17 38.92
C ALA B 183 5.03 -1.71 39.71
N SER B 184 3.82 -2.10 39.29
CA SER B 184 2.62 -1.71 40.02
C SER B 184 2.50 -2.42 41.37
N MET B 185 3.24 -3.51 41.58
CA MET B 185 3.24 -4.23 42.85
C MET B 185 4.45 -3.87 43.72
N HIS B 186 5.18 -2.82 43.36
CA HIS B 186 6.35 -2.29 44.08
C HIS B 186 7.47 -3.32 44.22
N LEU B 187 7.73 -4.08 43.17
CA LEU B 187 8.81 -5.04 42.97
C LEU B 187 9.84 -4.46 42.00
N PRO B 188 11.13 -4.71 42.21
CA PRO B 188 12.16 -4.19 41.29
C PRO B 188 12.04 -4.79 39.90
N VAL B 189 12.05 -3.93 38.89
CA VAL B 189 11.84 -4.32 37.50
C VAL B 189 13.06 -3.99 36.64
N ASP B 190 14.24 -3.97 37.27
CA ASP B 190 15.46 -3.60 36.57
C ASP B 190 15.82 -4.61 35.47
N GLY B 191 15.57 -5.89 35.72
CA GLY B 191 15.85 -6.91 34.71
C GLY B 191 14.94 -6.79 33.50
N TYR B 192 13.67 -6.42 33.73
CA TYR B 192 12.75 -6.25 32.62
C TYR B 192 13.13 -5.04 31.77
N LEU B 193 13.59 -3.97 32.43
CA LEU B 193 14.09 -2.80 31.71
C LEU B 193 15.35 -3.14 30.93
N ALA B 194 16.21 -4.01 31.49
CA ALA B 194 17.38 -4.47 30.75
C ALA B 194 16.98 -5.31 29.54
N ILE B 195 15.90 -6.10 29.67
CA ILE B 195 15.38 -6.86 28.53
C ILE B 195 14.88 -5.90 27.44
N LEU B 196 14.17 -4.85 27.84
CA LEU B 196 13.71 -3.85 26.88
C LEU B 196 14.88 -3.13 26.21
N GLY B 197 15.93 -2.83 26.98
CA GLY B 197 17.11 -2.21 26.38
C GLY B 197 17.84 -3.13 25.43
N ALA B 198 17.89 -4.42 25.74
CA ALA B 198 18.48 -5.40 24.82
C ALA B 198 17.65 -5.50 23.53
N LEU B 199 16.33 -5.44 23.66
CA LEU B 199 15.46 -5.40 22.48
C LEU B 199 15.72 -4.17 21.64
N LEU B 200 15.90 -3.01 22.29
CA LEU B 200 16.21 -1.78 21.57
C LEU B 200 17.55 -1.87 20.84
N ALA B 201 18.56 -2.44 21.51
CA ALA B 201 19.86 -2.60 20.87
C ALA B 201 19.80 -3.56 19.68
N GLY B 202 19.06 -4.66 19.83
CA GLY B 202 18.92 -5.60 18.73
C GLY B 202 18.17 -5.01 17.55
N THR B 203 17.10 -4.25 17.81
CA THR B 203 16.39 -3.59 16.73
C THR B 203 17.23 -2.52 16.06
N ALA B 204 18.01 -1.77 16.85
CA ALA B 204 18.91 -0.76 16.27
C ALA B 204 20.00 -1.42 15.41
N THR B 205 20.44 -2.62 15.79
CA THR B 205 21.44 -3.31 14.98
C THR B 205 20.83 -3.86 13.71
N LEU B 206 19.61 -4.42 13.77
CA LEU B 206 19.06 -5.20 12.67
C LEU B 206 18.19 -4.41 11.71
N SER B 207 17.33 -3.53 12.22
CA SER B 207 16.30 -2.87 11.39
C SER B 207 16.85 -1.97 10.28
N PRO B 208 17.82 -1.07 10.51
CA PRO B 208 18.29 -0.23 9.40
C PRO B 208 19.06 -0.98 8.33
N PHE B 209 19.54 -2.19 8.61
CA PHE B 209 20.27 -2.94 7.60
C PHE B 209 19.34 -3.68 6.65
N ALA B 210 18.10 -3.96 7.07
CA ALA B 210 17.12 -4.62 6.23
C ALA B 210 16.03 -3.70 5.69
N THR B 211 15.75 -2.60 6.39
CA THR B 211 14.79 -1.61 5.89
C THR B 211 15.28 -0.99 4.58
N ALA B 212 16.57 -0.69 4.50
CA ALA B 212 17.15 -0.17 3.26
C ALA B 212 17.09 -1.19 2.14
N ALA B 213 17.32 -2.46 2.45
CA ALA B 213 17.23 -3.51 1.44
C ALA B 213 15.81 -3.66 0.91
N ALA B 214 14.82 -3.67 1.80
CA ALA B 214 13.42 -3.74 1.37
C ALA B 214 13.00 -2.49 0.60
N LEU B 215 13.56 -1.34 0.97
CA LEU B 215 13.28 -0.10 0.24
C LEU B 215 13.86 -0.14 -1.16
N ARG B 216 15.05 -0.71 -1.31
CA ARG B 216 15.62 -0.91 -2.64
C ARG B 216 14.83 -1.92 -3.45
N ILE B 217 14.25 -2.92 -2.78
CA ILE B 217 13.37 -3.87 -3.47
C ILE B 217 12.13 -3.17 -4.00
N SER B 218 11.51 -2.32 -3.16
CA SER B 218 10.22 -1.74 -3.52
C SER B 218 10.33 -0.60 -4.52
N ILE B 219 11.54 -0.12 -4.83
CA ILE B 219 11.68 1.02 -5.73
C ILE B 219 12.04 0.61 -7.15
N GLN B 220 12.46 -0.63 -7.37
CA GLN B 220 12.82 -1.08 -8.71
C GLN B 220 11.60 -1.63 -9.44
N LYS C 3 25.67 -29.33 -13.52
CA LYS C 3 24.99 -30.61 -13.44
C LYS C 3 23.48 -30.44 -13.44
N THR C 4 22.79 -31.26 -12.66
CA THR C 4 21.33 -31.23 -12.64
C THR C 4 20.79 -30.03 -11.88
N LEU C 5 21.55 -29.51 -10.91
CA LEU C 5 21.05 -28.40 -10.10
C LEU C 5 21.02 -27.10 -10.89
N HIS C 6 22.00 -26.88 -11.76
CA HIS C 6 22.00 -25.65 -12.56
C HIS C 6 20.92 -25.68 -13.62
N GLN C 7 20.65 -26.84 -14.22
CA GLN C 7 19.58 -26.97 -15.19
C GLN C 7 18.22 -27.17 -14.54
N LEU C 8 18.18 -27.33 -13.21
CA LEU C 8 16.92 -27.25 -12.48
C LEU C 8 16.34 -25.85 -12.48
N ALA C 9 17.16 -24.82 -12.73
CA ALA C 9 16.70 -23.45 -12.75
C ALA C 9 15.86 -23.14 -13.99
N ILE C 10 16.07 -23.86 -15.08
CA ILE C 10 15.26 -23.66 -16.28
C ILE C 10 13.86 -24.22 -16.03
N PRO C 11 12.81 -23.41 -16.15
CA PRO C 11 11.50 -23.77 -15.59
C PRO C 11 10.74 -24.84 -16.38
N PRO C 12 10.90 -24.98 -17.72
CA PRO C 12 10.35 -26.21 -18.33
C PRO C 12 10.96 -27.49 -17.78
N ARG C 13 12.27 -27.50 -17.53
CA ARG C 13 12.89 -28.67 -16.92
C ARG C 13 12.41 -28.88 -15.50
N LEU C 14 12.22 -27.79 -14.75
CA LEU C 14 11.67 -27.89 -13.39
C LEU C 14 10.25 -28.43 -13.42
N TYR C 15 9.44 -27.98 -14.39
CA TYR C 15 8.08 -28.49 -14.54
C TYR C 15 8.08 -29.98 -14.86
N GLN C 16 8.98 -30.41 -15.76
CA GLN C 16 9.04 -31.83 -16.10
C GLN C 16 9.47 -32.68 -14.90
N ILE C 17 10.48 -32.21 -14.16
CA ILE C 17 10.95 -32.95 -12.99
C ILE C 17 9.88 -33.01 -11.91
N CYS C 18 9.19 -31.89 -11.67
CA CYS C 18 8.13 -31.86 -10.67
C CYS C 18 6.96 -32.75 -11.07
N GLY C 19 6.59 -32.75 -12.36
CA GLY C 19 5.54 -33.63 -12.82
C GLY C 19 5.90 -35.09 -12.71
N TRP C 20 7.18 -35.43 -12.90
CA TRP C 20 7.62 -36.79 -12.63
C TRP C 20 7.55 -37.11 -11.14
N PHE C 21 7.88 -36.14 -10.29
CA PHE C 21 7.98 -36.38 -8.85
C PHE C 21 6.62 -36.45 -8.17
N ILE C 22 5.58 -35.84 -8.75
CA ILE C 22 4.28 -35.73 -8.07
C ILE C 22 3.61 -37.07 -7.77
N PRO C 23 3.35 -37.96 -8.75
CA PRO C 23 2.37 -39.03 -8.47
C PRO C 23 2.90 -40.12 -7.53
N TRP C 24 4.15 -40.54 -7.69
CA TRP C 24 4.71 -41.57 -6.81
C TRP C 24 4.79 -41.08 -5.37
N LEU C 25 5.24 -39.83 -5.19
CA LEU C 25 5.37 -39.28 -3.84
C LEU C 25 4.00 -39.01 -3.22
N ALA C 26 3.01 -38.66 -4.04
CA ALA C 26 1.65 -38.50 -3.55
C ALA C 26 1.05 -39.84 -3.13
N ILE C 27 1.30 -40.90 -3.89
CA ILE C 27 0.83 -42.24 -3.52
C ILE C 27 1.46 -42.69 -2.22
N ALA C 28 2.78 -42.46 -2.07
CA ALA C 28 3.46 -42.79 -0.82
C ALA C 28 2.89 -42.00 0.35
N SER C 29 2.61 -40.71 0.13
CA SER C 29 2.04 -39.86 1.17
C SER C 29 0.67 -40.38 1.62
N VAL C 30 -0.20 -40.68 0.66
CA VAL C 30 -1.55 -41.10 1.02
C VAL C 30 -1.55 -42.49 1.66
N VAL C 31 -0.65 -43.39 1.23
CA VAL C 31 -0.64 -44.71 1.84
C VAL C 31 -0.04 -44.67 3.25
N VAL C 32 0.96 -43.82 3.48
CA VAL C 32 1.52 -43.70 4.82
C VAL C 32 0.53 -43.02 5.76
N LEU C 33 -0.17 -41.99 5.28
CA LEU C 33 -1.18 -41.32 6.10
C LEU C 33 -2.33 -42.26 6.42
N THR C 34 -2.78 -43.06 5.45
CA THR C 34 -3.85 -44.01 5.70
C THR C 34 -3.43 -45.09 6.69
N VAL C 35 -2.20 -45.60 6.55
CA VAL C 35 -1.70 -46.62 7.47
C VAL C 35 -1.61 -46.08 8.89
N GLY C 36 -1.07 -44.86 9.04
CA GLY C 36 -0.95 -44.27 10.37
C GLY C 36 -2.28 -43.97 11.00
N TRP C 37 -3.21 -43.39 10.24
CA TRP C 37 -4.53 -43.07 10.77
C TRP C 37 -5.30 -44.31 11.15
N ILE C 38 -5.28 -45.35 10.31
CA ILE C 38 -6.01 -46.57 10.60
C ILE C 38 -5.44 -47.28 11.82
N TRP C 39 -4.11 -47.44 11.87
CA TRP C 39 -3.46 -48.13 12.98
C TRP C 39 -3.68 -47.36 14.28
N GLY C 40 -3.61 -46.03 14.25
CA GLY C 40 -3.79 -45.25 15.46
C GLY C 40 -5.22 -45.12 15.96
N PHE C 41 -6.13 -44.66 15.10
CA PHE C 41 -7.53 -44.54 15.50
C PHE C 41 -8.20 -45.89 15.71
N GLY C 42 -7.61 -46.97 15.21
CA GLY C 42 -8.13 -48.31 15.42
C GLY C 42 -7.32 -49.09 16.43
N PHE C 43 -6.42 -49.94 15.94
CA PHE C 43 -5.73 -50.95 16.74
C PHE C 43 -4.71 -50.31 17.67
N ALA C 44 -5.18 -49.62 18.73
CA ALA C 44 -4.33 -49.00 19.73
C ALA C 44 -5.16 -48.66 20.97
N PRO C 45 -4.58 -48.69 22.17
CA PRO C 45 -5.33 -48.28 23.37
C PRO C 45 -5.36 -46.77 23.53
N ALA C 46 -5.93 -46.29 24.64
CA ALA C 46 -6.09 -44.87 24.90
C ALA C 46 -5.47 -44.53 26.25
N ASP C 47 -5.68 -43.29 26.68
CA ASP C 47 -5.09 -42.79 27.92
C ASP C 47 -6.01 -43.06 29.10
N TYR C 48 -5.40 -43.28 30.27
CA TYR C 48 -6.17 -43.48 31.49
C TYR C 48 -6.85 -42.20 31.95
N GLN C 49 -6.13 -41.07 31.88
CA GLN C 49 -6.65 -39.83 32.43
C GLN C 49 -7.56 -39.12 31.45
N GLN C 50 -7.11 -38.97 30.19
CA GLN C 50 -7.86 -38.15 29.23
C GLN C 50 -9.11 -38.85 28.73
N GLY C 51 -9.13 -40.17 28.71
CA GLY C 51 -10.30 -40.91 28.25
C GLY C 51 -10.14 -41.37 26.81
N ASN C 52 -11.16 -41.09 25.99
CA ASN C 52 -11.18 -41.57 24.61
C ASN C 52 -11.18 -40.45 23.58
N SER C 53 -11.03 -39.20 24.02
CA SER C 53 -10.69 -38.12 23.11
C SER C 53 -9.18 -37.96 22.95
N TYR C 54 -8.41 -38.77 23.69
CA TYR C 54 -6.95 -38.61 23.77
C TYR C 54 -6.32 -38.66 22.39
N ARG C 55 -6.86 -39.50 21.50
CA ARG C 55 -6.31 -39.72 20.16
C ARG C 55 -6.34 -38.49 19.26
N ILE C 56 -6.91 -37.36 19.72
CA ILE C 56 -6.70 -36.10 19.01
C ILE C 56 -5.22 -35.69 19.01
N ILE C 57 -4.40 -36.31 19.88
CA ILE C 57 -2.94 -36.13 19.85
C ILE C 57 -2.39 -36.48 18.47
N TYR C 58 -3.06 -37.38 17.76
CA TYR C 58 -2.73 -37.65 16.38
C TYR C 58 -3.05 -36.41 15.57
N LEU C 59 -4.33 -36.07 15.55
CA LEU C 59 -4.89 -35.11 14.60
C LEU C 59 -4.31 -33.71 14.80
N HIS C 60 -3.67 -33.46 15.93
CA HIS C 60 -3.02 -32.19 16.23
C HIS C 60 -1.52 -32.20 16.02
N VAL C 61 -0.80 -33.24 16.44
CA VAL C 61 0.62 -33.02 16.77
C VAL C 61 1.54 -33.01 15.55
N PRO C 62 1.45 -33.95 14.54
CA PRO C 62 2.26 -33.79 13.32
C PRO C 62 2.10 -32.45 12.62
N ALA C 63 0.86 -32.14 12.21
CA ALA C 63 0.58 -30.93 11.45
C ALA C 63 1.14 -29.70 12.13
N ALA C 64 0.84 -29.55 13.43
CA ALA C 64 1.34 -28.43 14.23
C ALA C 64 2.85 -28.30 14.15
N ILE C 65 3.58 -29.39 14.41
CA ILE C 65 5.03 -29.23 14.42
C ILE C 65 5.52 -28.99 13.00
N TRP C 66 4.86 -29.61 12.01
CA TRP C 66 5.29 -29.36 10.65
C TRP C 66 4.94 -27.97 10.21
N SER C 67 3.92 -27.35 10.82
CA SER C 67 3.68 -25.93 10.61
C SER C 67 4.93 -25.14 10.96
N MET C 68 5.48 -25.36 12.17
CA MET C 68 6.75 -24.76 12.52
C MET C 68 7.83 -25.18 11.55
N GLY C 69 7.83 -26.48 11.19
CA GLY C 69 8.83 -26.99 10.27
C GLY C 69 8.76 -26.31 8.92
N ILE C 70 7.54 -26.05 8.43
CA ILE C 70 7.48 -25.52 7.06
C ILE C 70 7.92 -24.06 7.08
N TYR C 71 7.77 -23.38 8.24
CA TYR C 71 8.32 -22.04 8.36
C TYR C 71 9.83 -22.06 8.26
N ALA C 72 10.46 -23.09 8.85
CA ALA C 72 11.89 -23.28 8.67
C ALA C 72 12.23 -23.48 7.21
N SER C 73 11.38 -24.24 6.49
CA SER C 73 11.58 -24.42 5.06
C SER C 73 11.53 -23.08 4.34
N MET C 74 10.62 -22.20 4.78
CA MET C 74 10.54 -20.83 4.27
C MET C 74 11.89 -20.16 4.31
N ALA C 75 12.57 -20.28 5.46
CA ALA C 75 13.88 -19.67 5.62
C ALA C 75 14.86 -20.21 4.58
N VAL C 76 14.95 -21.54 4.46
CA VAL C 76 15.94 -22.09 3.52
C VAL C 76 15.49 -21.95 2.09
N ALA C 77 14.29 -21.43 1.84
CA ALA C 77 14.04 -20.83 0.54
C ALA C 77 14.52 -19.39 0.53
N ALA C 78 13.91 -18.55 1.37
CA ALA C 78 13.97 -17.10 1.18
C ALA C 78 15.39 -16.58 1.36
N PHE C 79 16.09 -17.07 2.39
CA PHE C 79 17.48 -16.68 2.62
C PHE C 79 18.35 -17.01 1.41
N ILE C 80 18.21 -18.22 0.86
CA ILE C 80 19.02 -18.55 -0.31
C ILE C 80 18.54 -17.72 -1.50
N GLY C 81 17.22 -17.44 -1.55
CA GLY C 81 16.67 -16.56 -2.56
C GLY C 81 17.06 -15.12 -2.41
N LEU C 82 17.70 -14.77 -1.28
CA LEU C 82 18.24 -13.44 -1.10
C LEU C 82 19.75 -13.44 -0.95
N VAL C 83 20.43 -14.55 -1.24
CA VAL C 83 21.89 -14.55 -1.19
C VAL C 83 22.53 -14.96 -2.51
N TRP C 84 21.85 -15.70 -3.38
CA TRP C 84 22.25 -15.83 -4.77
C TRP C 84 21.27 -15.14 -5.71
N GLN C 85 20.32 -14.37 -5.17
CA GLN C 85 19.34 -13.58 -5.94
C GLN C 85 18.56 -14.43 -6.94
N MET C 86 18.02 -15.54 -6.46
CA MET C 86 17.38 -16.53 -7.33
C MET C 86 15.86 -16.48 -7.17
N LYS C 87 15.17 -16.34 -8.30
CA LYS C 87 13.71 -16.37 -8.31
C LYS C 87 13.18 -17.78 -8.10
N MET C 88 13.93 -18.79 -8.55
CA MET C 88 13.51 -20.17 -8.42
C MET C 88 13.33 -20.57 -6.95
N ALA C 89 14.15 -20.01 -6.07
CA ALA C 89 13.96 -20.17 -4.64
C ALA C 89 12.87 -19.27 -4.08
N ASN C 90 12.72 -18.05 -4.62
CA ASN C 90 11.73 -17.11 -4.11
C ASN C 90 10.30 -17.53 -4.40
N LEU C 91 10.08 -18.37 -5.41
CA LEU C 91 8.74 -18.89 -5.66
C LEU C 91 8.33 -19.95 -4.64
N ALA C 92 9.30 -20.60 -3.99
CA ALA C 92 8.99 -21.61 -2.99
C ALA C 92 8.31 -21.01 -1.76
N VAL C 93 8.56 -19.72 -1.48
CA VAL C 93 7.91 -19.05 -0.36
C VAL C 93 6.40 -18.98 -0.59
N ALA C 94 5.99 -18.50 -1.77
CA ALA C 94 4.57 -18.45 -2.09
C ALA C 94 4.01 -19.84 -2.37
N ALA C 95 4.85 -20.82 -2.70
CA ALA C 95 4.37 -22.18 -2.81
C ALA C 95 4.02 -22.77 -1.44
N MET C 96 4.87 -22.56 -0.45
CA MET C 96 4.70 -23.13 0.88
C MET C 96 3.89 -22.26 1.83
N ALA C 97 3.48 -21.06 1.42
CA ALA C 97 2.75 -20.18 2.34
C ALA C 97 1.34 -20.68 2.68
N PRO C 98 0.43 -20.92 1.72
CA PRO C 98 -0.93 -21.31 2.15
C PRO C 98 -1.02 -22.74 2.66
N ILE C 99 -0.08 -23.61 2.30
CA ILE C 99 -0.03 -24.94 2.91
C ILE C 99 0.28 -24.83 4.40
N GLY C 100 1.24 -23.98 4.74
CA GLY C 100 1.53 -23.73 6.14
C GLY C 100 0.39 -23.05 6.87
N ALA C 101 -0.30 -22.13 6.19
CA ALA C 101 -1.46 -21.48 6.80
C ALA C 101 -2.58 -22.48 7.09
N VAL C 102 -2.84 -23.39 6.16
CA VAL C 102 -3.87 -24.42 6.37
C VAL C 102 -3.46 -25.37 7.49
N PHE C 103 -2.18 -25.76 7.54
CA PHE C 103 -1.73 -26.65 8.60
C PHE C 103 -1.81 -25.98 9.96
N THR C 104 -1.48 -24.69 10.04
CA THR C 104 -1.58 -23.97 11.31
C THR C 104 -3.03 -23.78 11.74
N PHE C 105 -3.93 -23.51 10.79
CA PHE C 105 -5.34 -23.41 11.12
C PHE C 105 -5.90 -24.75 11.62
N ILE C 106 -5.47 -25.84 10.99
CA ILE C 106 -5.85 -27.17 11.46
C ILE C 106 -5.31 -27.46 12.86
N ALA C 107 -4.07 -27.04 13.13
CA ALA C 107 -3.49 -27.21 14.47
C ALA C 107 -4.28 -26.43 15.52
N LEU C 108 -4.65 -25.18 15.18
CA LEU C 108 -5.47 -24.38 16.10
C LEU C 108 -6.83 -25.02 16.35
N VAL C 109 -7.47 -25.54 15.28
CA VAL C 109 -8.78 -26.15 15.42
C VAL C 109 -8.70 -27.41 16.29
N THR C 110 -7.70 -28.25 16.04
CA THR C 110 -7.56 -29.48 16.82
C THR C 110 -7.20 -29.18 18.28
N GLY C 111 -6.36 -28.18 18.52
CA GLY C 111 -6.05 -27.80 19.89
C GLY C 111 -7.27 -27.26 20.63
N SER C 112 -8.08 -26.43 19.96
CA SER C 112 -9.28 -25.88 20.57
C SER C 112 -10.31 -26.97 20.84
N ALA C 113 -10.43 -27.96 19.94
CA ALA C 113 -11.36 -29.05 20.17
C ALA C 113 -10.87 -30.03 21.23
N TRP C 114 -9.56 -30.23 21.34
CA TRP C 114 -8.99 -31.13 22.34
C TRP C 114 -8.98 -30.52 23.73
N GLY C 115 -8.90 -29.19 23.84
CA GLY C 115 -8.99 -28.58 25.15
C GLY C 115 -10.40 -28.41 25.69
N LYS C 116 -11.41 -28.78 24.91
CA LYS C 116 -12.79 -28.67 25.39
C LYS C 116 -13.15 -29.55 26.59
N PRO C 117 -12.76 -30.85 26.68
CA PRO C 117 -13.13 -31.60 27.90
C PRO C 117 -12.48 -31.09 29.18
N MET C 118 -11.39 -30.33 29.10
CA MET C 118 -10.73 -29.81 30.29
C MET C 118 -11.19 -28.38 30.61
N TRP C 119 -11.05 -27.47 29.65
CA TRP C 119 -11.24 -26.05 29.92
C TRP C 119 -12.70 -25.67 30.05
N GLY C 120 -13.59 -26.37 29.36
CA GLY C 120 -15.01 -26.04 29.32
C GLY C 120 -15.36 -25.07 28.20
N THR C 121 -14.46 -24.14 27.91
CA THR C 121 -14.65 -23.18 26.83
C THR C 121 -13.90 -23.65 25.59
N TRP C 122 -14.41 -23.26 24.41
CA TRP C 122 -13.77 -23.62 23.15
C TRP C 122 -12.37 -23.04 23.04
N TRP C 123 -12.20 -21.77 23.44
CA TRP C 123 -10.90 -21.12 23.38
C TRP C 123 -10.59 -20.51 24.74
N VAL C 124 -9.45 -20.91 25.30
CA VAL C 124 -8.90 -20.27 26.49
C VAL C 124 -7.49 -19.82 26.13
N TRP C 125 -6.99 -18.84 26.88
CA TRP C 125 -5.72 -18.21 26.56
C TRP C 125 -4.58 -18.95 27.28
N ASP C 126 -4.15 -20.03 26.64
CA ASP C 126 -3.15 -20.93 27.22
C ASP C 126 -1.87 -20.90 26.38
N ALA C 127 -0.92 -21.75 26.76
CA ALA C 127 0.36 -21.84 26.08
C ALA C 127 0.23 -22.63 24.78
N ARG C 128 1.10 -22.27 23.84
CA ARG C 128 1.35 -22.90 22.53
C ARG C 128 0.20 -22.64 21.54
N LEU C 129 -0.97 -22.28 22.03
CA LEU C 129 -2.06 -21.94 21.12
C LEU C 129 -1.95 -20.49 20.66
N THR C 130 -1.53 -19.60 21.57
CA THR C 130 -1.18 -18.24 21.18
C THR C 130 0.00 -18.24 20.22
N SER C 131 0.97 -19.13 20.45
CA SER C 131 2.13 -19.24 19.56
C SER C 131 1.70 -19.71 18.17
N GLU C 132 0.82 -20.70 18.09
CA GLU C 132 0.31 -21.12 16.79
C GLU C 132 -0.53 -20.03 16.14
N LEU C 133 -1.27 -19.24 16.92
CA LEU C 133 -2.04 -18.14 16.35
C LEU C 133 -1.12 -17.06 15.77
N VAL C 134 -0.01 -16.78 16.45
CA VAL C 134 0.97 -15.82 15.92
C VAL C 134 1.64 -16.36 14.65
N LEU C 135 1.91 -17.67 14.62
CA LEU C 135 2.43 -18.27 13.39
C LEU C 135 1.42 -18.18 12.25
N LEU C 136 0.13 -18.34 12.56
CA LEU C 136 -0.92 -18.14 11.57
C LEU C 136 -0.93 -16.70 11.07
N PHE C 137 -0.71 -15.74 11.95
CA PHE C 137 -0.64 -14.35 11.53
C PHE C 137 0.56 -14.07 10.65
N LEU C 138 1.69 -14.72 10.93
CA LEU C 138 2.87 -14.57 10.07
C LEU C 138 2.62 -15.14 8.68
N TYR C 139 1.96 -16.31 8.62
CA TYR C 139 1.57 -16.87 7.33
C TYR C 139 0.58 -15.98 6.60
N VAL C 140 -0.33 -15.35 7.35
CA VAL C 140 -1.29 -14.40 6.77
C VAL C 140 -0.56 -13.19 6.19
N GLY C 141 0.45 -12.70 6.90
CA GLY C 141 1.26 -11.61 6.37
C GLY C 141 1.99 -11.98 5.09
N VAL C 142 2.51 -13.21 5.02
CA VAL C 142 3.16 -13.67 3.79
C VAL C 142 2.15 -13.77 2.64
N ILE C 143 0.96 -14.31 2.91
CA ILE C 143 -0.12 -14.38 1.91
C ILE C 143 -0.48 -12.99 1.39
N ALA C 144 -0.69 -12.05 2.31
CA ALA C 144 -1.14 -10.72 1.93
C ALA C 144 -0.06 -9.95 1.17
N LEU C 145 1.20 -10.10 1.59
CA LEU C 145 2.28 -9.43 0.89
C LEU C 145 2.53 -10.02 -0.49
N TRP C 146 2.33 -11.34 -0.65
CA TRP C 146 2.48 -11.92 -1.98
C TRP C 146 1.33 -11.51 -2.89
N HIS C 147 0.09 -11.54 -2.38
CA HIS C 147 -1.06 -11.23 -3.21
C HIS C 147 -1.26 -9.74 -3.45
N ALA C 148 -0.57 -8.88 -2.69
CA ALA C 148 -0.80 -7.44 -2.82
C ALA C 148 -0.01 -6.84 -3.97
N PHE C 149 1.21 -7.33 -4.21
CA PHE C 149 2.01 -6.82 -5.31
C PHE C 149 1.43 -7.23 -6.65
N ASP C 150 1.44 -6.28 -7.59
CA ASP C 150 0.98 -6.56 -8.96
C ASP C 150 2.01 -7.34 -9.77
N ASP C 151 3.29 -7.09 -9.53
CA ASP C 151 4.36 -7.83 -10.20
C ASP C 151 4.62 -9.14 -9.48
N ARG C 152 5.48 -9.96 -10.06
CA ARG C 152 5.84 -11.26 -9.48
C ARG C 152 7.24 -11.29 -8.90
N ARG C 153 8.22 -10.69 -9.59
CA ARG C 153 9.59 -10.68 -9.07
C ARG C 153 9.70 -9.82 -7.82
N LEU C 154 9.09 -8.64 -7.85
CA LEU C 154 9.05 -7.77 -6.67
C LEU C 154 8.29 -8.44 -5.54
N ALA C 155 7.20 -9.15 -5.87
CA ALA C 155 6.44 -9.89 -4.86
C ALA C 155 7.30 -10.97 -4.21
N GLY C 156 8.07 -11.70 -5.01
CA GLY C 156 8.93 -12.73 -4.46
C GLY C 156 10.04 -12.18 -3.56
N ARG C 157 10.67 -11.08 -3.99
CA ARG C 157 11.73 -10.50 -3.17
C ARG C 157 11.18 -9.89 -1.88
N ALA C 158 9.99 -9.26 -1.95
CA ALA C 158 9.36 -8.71 -0.76
C ALA C 158 8.93 -9.82 0.20
N ALA C 159 8.39 -10.92 -0.33
CA ALA C 159 8.04 -12.04 0.52
C ALA C 159 9.26 -12.69 1.13
N GLY C 160 10.38 -12.71 0.41
CA GLY C 160 11.62 -13.21 1.00
C GLY C 160 12.12 -12.34 2.14
N ILE C 161 12.04 -11.02 1.98
CA ILE C 161 12.42 -10.09 3.05
C ILE C 161 11.53 -10.30 4.27
N LEU C 162 10.21 -10.41 4.04
CA LEU C 162 9.27 -10.59 5.14
C LEU C 162 9.48 -11.93 5.85
N VAL C 163 9.76 -12.99 5.08
CA VAL C 163 9.98 -14.30 5.68
C VAL C 163 11.26 -14.31 6.50
N LEU C 164 12.33 -13.67 6.00
CA LEU C 164 13.56 -13.59 6.78
C LEU C 164 13.36 -12.80 8.08
N ILE C 165 12.62 -11.69 8.00
CA ILE C 165 12.35 -10.89 9.20
C ILE C 165 11.52 -11.69 10.20
N GLY C 166 10.49 -12.40 9.72
CA GLY C 166 9.68 -13.20 10.61
C GLY C 166 10.42 -14.37 11.23
N VAL C 167 11.33 -14.99 10.45
CA VAL C 167 12.12 -16.10 10.97
C VAL C 167 13.09 -15.61 12.03
N VAL C 168 13.68 -14.43 11.83
CA VAL C 168 14.55 -13.84 12.85
C VAL C 168 13.76 -13.52 14.11
N ASN C 169 12.56 -12.95 13.96
CA ASN C 169 11.77 -12.55 15.11
C ASN C 169 11.00 -13.69 15.77
N LEU C 170 10.97 -14.88 15.14
CA LEU C 170 10.16 -15.98 15.68
C LEU C 170 10.61 -16.51 17.05
N PRO C 171 11.89 -16.80 17.32
CA PRO C 171 12.22 -17.33 18.67
C PRO C 171 11.94 -16.37 19.80
N ILE C 172 12.04 -15.05 19.55
CA ILE C 172 11.70 -14.07 20.57
C ILE C 172 10.22 -14.17 20.93
N ILE C 173 9.36 -14.32 19.92
CA ILE C 173 7.94 -14.52 20.17
C ILE C 173 7.68 -15.84 20.87
N HIS C 174 8.40 -16.90 20.45
CA HIS C 174 8.21 -18.23 21.02
C HIS C 174 8.59 -18.28 22.49
N TYR C 175 9.57 -17.49 22.90
CA TYR C 175 9.93 -17.40 24.31
C TYR C 175 9.08 -16.40 25.09
N SER C 176 8.65 -15.31 24.45
CA SER C 176 7.84 -14.32 25.14
C SER C 176 6.41 -14.80 25.41
N VAL C 177 5.83 -15.60 24.51
CA VAL C 177 4.52 -16.17 24.79
C VAL C 177 4.61 -17.23 25.88
N GLU C 178 5.71 -17.99 25.92
CA GLU C 178 5.95 -18.91 27.02
C GLU C 178 6.10 -18.15 28.34
N TRP C 179 6.79 -17.02 28.31
CA TRP C 179 6.91 -16.17 29.49
C TRP C 179 5.56 -15.62 29.92
N TRP C 180 4.69 -15.31 28.95
CA TRP C 180 3.32 -14.89 29.24
C TRP C 180 2.51 -15.98 29.93
N ASN C 181 2.93 -17.24 29.85
CA ASN C 181 2.27 -18.33 30.54
C ASN C 181 2.94 -18.69 31.86
N THR C 182 4.19 -18.30 32.07
CA THR C 182 4.84 -18.53 33.36
C THR C 182 4.18 -17.69 34.45
N LEU C 183 4.02 -16.40 34.21
CA LEU C 183 3.16 -15.55 35.01
C LEU C 183 1.78 -15.53 34.33
N HIS C 184 0.81 -14.84 34.94
CA HIS C 184 -0.59 -14.81 34.51
C HIS C 184 -1.18 -16.23 34.52
N GLN C 185 -1.08 -16.89 35.68
CA GLN C 185 -1.55 -18.25 35.96
C GLN C 185 -1.04 -19.25 34.92
N GLY C 186 -1.75 -20.35 34.66
CA GLY C 186 -1.10 -21.41 33.90
C GLY C 186 -1.93 -22.14 32.87
N SER C 187 -1.67 -23.44 32.72
CA SER C 187 -2.38 -24.29 31.77
C SER C 187 -2.06 -25.74 32.12
N THR C 188 -2.85 -26.66 31.55
CA THR C 188 -2.53 -28.07 31.70
C THR C 188 -1.58 -28.50 30.58
N ARG C 189 -0.96 -29.67 30.78
CA ARG C 189 -0.05 -30.23 29.78
C ARG C 189 -0.88 -31.01 28.76
N MET C 190 -1.60 -30.27 27.93
CA MET C 190 -2.48 -30.85 26.95
C MET C 190 -1.81 -31.09 25.59
N GLN C 191 -0.55 -30.72 25.43
CA GLN C 191 0.05 -30.73 24.09
C GLN C 191 0.53 -32.12 23.71
N GLN C 192 1.51 -32.66 24.44
CA GLN C 192 2.21 -33.88 24.02
C GLN C 192 2.36 -34.84 25.20
N SER C 193 1.27 -35.11 25.90
CA SER C 193 1.25 -36.15 26.93
C SER C 193 1.09 -37.49 26.23
N ILE C 194 2.20 -38.19 26.02
CA ILE C 194 2.21 -39.39 25.20
C ILE C 194 2.18 -40.63 26.10
N ASP C 195 1.93 -41.78 25.48
CA ASP C 195 1.87 -43.09 26.12
C ASP C 195 2.83 -44.05 25.42
N PRO C 196 3.49 -44.94 26.18
CA PRO C 196 4.46 -45.88 25.57
C PRO C 196 3.89 -46.76 24.47
N ALA C 197 2.64 -47.22 24.61
CA ALA C 197 2.01 -48.03 23.57
C ALA C 197 1.42 -47.18 22.45
N MET C 198 1.53 -45.86 22.55
CA MET C 198 0.92 -44.92 21.61
C MET C 198 1.95 -44.31 20.67
N ARG C 199 3.21 -44.23 21.11
CA ARG C 199 4.25 -43.44 20.45
C ARG C 199 4.95 -44.30 19.39
N SER C 200 4.29 -44.43 18.23
CA SER C 200 4.85 -44.97 17.00
C SER C 200 4.03 -44.56 15.78
N PRO C 201 2.70 -44.73 15.73
CA PRO C 201 1.93 -44.12 14.64
C PRO C 201 1.91 -42.60 14.71
N LEU C 202 2.26 -42.01 15.84
CA LEU C 202 2.52 -40.56 15.87
C LEU C 202 3.68 -40.22 14.94
N ARG C 203 4.77 -41.00 15.02
CA ARG C 203 5.90 -40.79 14.12
C ARG C 203 5.52 -41.10 12.68
N TRP C 204 4.71 -42.15 12.48
CA TRP C 204 4.25 -42.48 11.13
C TRP C 204 3.38 -41.38 10.55
N SER C 205 2.52 -40.77 11.36
CA SER C 205 1.68 -39.67 10.87
C SER C 205 2.50 -38.39 10.68
N ILE C 206 3.57 -38.21 11.45
CA ILE C 206 4.51 -37.12 11.19
C ILE C 206 5.12 -37.28 9.80
N PHE C 207 5.57 -38.50 9.48
CA PHE C 207 6.12 -38.77 8.15
C PHE C 207 5.06 -38.59 7.07
N GLY C 208 3.84 -39.04 7.32
CA GLY C 208 2.78 -38.90 6.34
C GLY C 208 2.39 -37.46 6.08
N PHE C 209 2.34 -36.64 7.13
CA PHE C 209 2.03 -35.23 6.94
C PHE C 209 3.18 -34.50 6.26
N LEU C 210 4.42 -34.90 6.53
CA LEU C 210 5.56 -34.34 5.80
C LEU C 210 5.47 -34.66 4.32
N LEU C 211 5.13 -35.90 3.99
CA LEU C 211 5.04 -36.31 2.60
C LEU C 211 3.86 -35.63 1.90
N LEU C 212 2.74 -35.44 2.61
CA LEU C 212 1.59 -34.73 2.04
C LEU C 212 1.91 -33.26 1.82
N SER C 213 2.65 -32.64 2.76
CA SER C 213 3.08 -31.26 2.57
C SER C 213 4.02 -31.14 1.38
N ALA C 214 4.91 -32.12 1.20
CA ALA C 214 5.79 -32.13 0.04
C ALA C 214 5.00 -32.26 -1.26
N THR C 215 3.99 -33.14 -1.28
CA THR C 215 3.13 -33.28 -2.45
C THR C 215 2.44 -31.96 -2.78
N LEU C 216 1.86 -31.32 -1.76
CA LEU C 216 1.11 -30.08 -1.98
C LEU C 216 2.02 -28.96 -2.44
N THR C 217 3.22 -28.83 -1.85
CA THR C 217 4.09 -27.74 -2.27
C THR C 217 4.72 -28.00 -3.63
N LEU C 218 4.97 -29.26 -4.00
CA LEU C 218 5.48 -29.55 -5.33
C LEU C 218 4.43 -29.24 -6.39
N MET C 219 3.17 -29.62 -6.14
CA MET C 219 2.16 -29.40 -7.15
C MET C 219 1.74 -27.92 -7.20
N ARG C 220 1.80 -27.21 -6.08
CA ARG C 220 1.59 -25.76 -6.12
C ARG C 220 2.77 -25.03 -6.76
N MET C 221 3.98 -25.58 -6.65
CA MET C 221 5.11 -25.01 -7.39
C MET C 221 4.91 -25.19 -8.89
N ARG C 222 4.36 -26.34 -9.30
CA ARG C 222 3.95 -26.51 -10.70
C ARG C 222 2.92 -25.47 -11.10
N ASN C 223 1.94 -25.22 -10.23
CA ASN C 223 0.91 -24.20 -10.48
C ASN C 223 1.53 -22.83 -10.69
N LEU C 224 2.45 -22.43 -9.80
CA LEU C 224 3.03 -21.10 -9.86
C LEU C 224 3.98 -20.97 -11.05
N ILE C 225 4.70 -22.06 -11.39
CA ILE C 225 5.54 -22.05 -12.58
C ILE C 225 4.72 -21.89 -13.85
N LEU C 226 3.58 -22.58 -13.96
CA LEU C 226 2.73 -22.40 -15.13
C LEU C 226 2.12 -21.00 -15.15
N LEU C 227 1.81 -20.43 -13.98
CA LEU C 227 1.16 -19.13 -13.94
C LEU C 227 2.12 -17.99 -14.28
N MET C 228 3.35 -18.04 -13.78
CA MET C 228 4.26 -16.90 -13.87
C MET C 228 4.69 -16.62 -15.31
N GLU C 229 4.98 -17.68 -16.08
CA GLU C 229 5.43 -17.50 -17.46
C GLU C 229 4.28 -17.82 -18.41
N LYS C 230 3.50 -16.77 -18.69
CA LYS C 230 2.29 -16.88 -19.48
C LYS C 230 2.59 -16.88 -20.97
N ARG C 231 3.73 -16.30 -21.39
CA ARG C 231 4.07 -16.05 -22.79
C ARG C 231 5.21 -16.88 -23.35
N ARG C 232 6.08 -17.44 -22.51
CA ARG C 232 7.28 -18.06 -23.03
C ARG C 232 6.94 -19.36 -23.76
N PRO C 233 7.54 -19.60 -24.95
CA PRO C 233 7.05 -20.68 -25.84
C PRO C 233 7.21 -22.10 -25.32
N TRP C 234 7.84 -22.33 -24.15
CA TRP C 234 7.80 -23.68 -23.60
C TRP C 234 6.39 -24.04 -23.16
N VAL C 235 5.61 -23.05 -22.70
CA VAL C 235 4.19 -23.25 -22.44
C VAL C 235 3.46 -23.56 -23.74
N SER C 236 3.86 -22.93 -24.84
CA SER C 236 3.28 -23.24 -26.14
C SER C 236 3.57 -24.68 -26.56
N GLU C 237 4.80 -25.15 -26.32
CA GLU C 237 5.12 -26.55 -26.61
C GLU C 237 4.33 -27.50 -25.72
N LEU C 238 4.17 -27.15 -24.44
CA LEU C 238 3.40 -27.99 -23.52
C LEU C 238 1.93 -28.07 -23.93
N ILE C 239 1.34 -26.94 -24.33
CA ILE C 239 -0.06 -26.95 -24.74
C ILE C 239 -0.23 -27.56 -26.13
N LEU C 240 0.84 -27.59 -26.93
CA LEU C 240 0.78 -28.32 -28.19
C LEU C 240 0.84 -29.82 -27.97
N LYS C 241 1.61 -30.25 -26.97
CA LYS C 241 1.56 -31.66 -26.54
C LYS C 241 0.19 -32.01 -25.98
N ARG C 242 -0.38 -31.12 -25.17
CA ARG C 242 -1.73 -31.34 -24.66
C ARG C 242 -2.77 -31.26 -25.77
N GLY C 243 -2.66 -30.27 -26.64
CA GLY C 243 -3.60 -30.08 -27.72
C GLY C 243 -3.39 -31.06 -28.87
N THR D 2 -9.86 -56.50 17.56
CA THR D 2 -8.56 -55.84 17.62
C THR D 2 -8.61 -54.35 18.05
N PRO D 3 -9.56 -53.53 17.57
CA PRO D 3 -9.70 -52.19 18.16
C PRO D 3 -10.24 -52.26 19.58
N ALA D 4 -10.00 -51.18 20.33
CA ALA D 4 -10.52 -51.06 21.68
C ALA D 4 -12.03 -50.93 21.71
N PHE D 5 -12.65 -50.52 20.60
CA PHE D 5 -14.10 -50.45 20.46
C PHE D 5 -14.53 -51.58 19.55
N ALA D 6 -15.14 -52.62 20.14
CA ALA D 6 -15.49 -53.82 19.39
C ALA D 6 -16.64 -53.57 18.41
N SER D 7 -17.71 -52.93 18.89
CA SER D 7 -18.87 -52.70 18.05
C SER D 7 -18.61 -51.54 17.10
N TRP D 8 -19.12 -51.67 15.87
CA TRP D 8 -18.94 -50.62 14.87
C TRP D 8 -19.76 -49.38 15.20
N ASN D 9 -20.93 -49.56 15.82
CA ASN D 9 -21.68 -48.42 16.34
C ASN D 9 -20.94 -47.77 17.49
N GLU D 10 -20.32 -48.58 18.36
CA GLU D 10 -19.56 -48.04 19.48
C GLU D 10 -18.28 -47.34 19.02
N PHE D 11 -17.70 -47.78 17.90
CA PHE D 11 -16.55 -47.06 17.34
C PHE D 11 -16.91 -45.65 16.91
N PHE D 12 -18.15 -45.44 16.47
CA PHE D 12 -18.63 -44.10 16.15
C PHE D 12 -19.10 -43.33 17.39
N ALA D 13 -19.30 -44.01 18.51
CA ALA D 13 -19.60 -43.37 19.79
C ALA D 13 -18.30 -43.35 20.58
N MET D 14 -17.49 -42.32 20.33
CA MET D 14 -16.06 -42.33 20.66
C MET D 14 -15.87 -42.13 22.17
N GLY D 15 -16.30 -43.14 22.91
CA GLY D 15 -16.12 -43.18 24.37
C GLY D 15 -16.82 -42.08 25.13
N GLY D 16 -17.98 -41.63 24.64
CA GLY D 16 -18.69 -40.53 25.25
C GLY D 16 -18.22 -39.15 24.83
N TYR D 17 -17.08 -39.06 24.16
CA TYR D 17 -16.53 -37.81 23.65
C TYR D 17 -16.60 -37.76 22.13
N ALA D 18 -17.70 -38.25 21.56
CA ALA D 18 -17.76 -38.52 20.13
C ALA D 18 -17.73 -37.23 19.30
N PHE D 19 -18.50 -36.22 19.72
CA PHE D 19 -18.73 -35.05 18.89
C PHE D 19 -17.46 -34.23 18.72
N PHE D 20 -16.64 -34.12 19.77
CA PHE D 20 -15.37 -33.39 19.67
C PHE D 20 -14.42 -34.06 18.69
N VAL D 21 -14.26 -35.38 18.80
CA VAL D 21 -13.34 -36.12 17.93
C VAL D 21 -13.82 -36.07 16.47
N TRP D 22 -15.12 -36.24 16.24
CA TRP D 22 -15.59 -36.23 14.86
C TRP D 22 -15.61 -34.83 14.26
N LEU D 23 -15.82 -33.79 15.10
CA LEU D 23 -15.67 -32.42 14.62
C LEU D 23 -14.24 -32.13 14.22
N ALA D 24 -13.28 -32.60 15.04
CA ALA D 24 -11.87 -32.44 14.71
C ALA D 24 -11.53 -33.18 13.42
N VAL D 25 -12.06 -34.40 13.25
CA VAL D 25 -11.84 -35.18 12.04
C VAL D 25 -12.39 -34.51 10.80
N VAL D 26 -13.63 -34.01 10.84
CA VAL D 26 -14.19 -33.34 9.67
C VAL D 26 -13.52 -32.01 9.39
N MET D 27 -13.13 -31.25 10.42
CA MET D 27 -12.49 -29.96 10.21
C MET D 27 -10.98 -30.08 10.01
N THR D 28 -10.45 -31.30 10.02
CA THR D 28 -9.13 -31.52 9.45
C THR D 28 -9.25 -32.02 8.01
N VAL D 29 -10.22 -32.90 7.75
CA VAL D 29 -10.35 -33.52 6.43
C VAL D 29 -10.75 -32.48 5.38
N ILE D 30 -11.74 -31.63 5.71
CA ILE D 30 -12.28 -30.66 4.75
C ILE D 30 -11.24 -29.61 4.31
N PRO D 31 -10.42 -28.99 5.18
CA PRO D 31 -9.40 -28.05 4.66
C PRO D 31 -8.40 -28.66 3.67
N LEU D 32 -7.95 -29.89 3.90
CA LEU D 32 -7.04 -30.52 2.94
C LEU D 32 -7.75 -30.83 1.63
N VAL D 33 -9.02 -31.22 1.71
CA VAL D 33 -9.81 -31.48 0.50
C VAL D 33 -9.95 -30.21 -0.33
N VAL D 34 -10.24 -29.08 0.33
CA VAL D 34 -10.35 -27.79 -0.34
C VAL D 34 -8.99 -27.38 -0.90
N LEU D 35 -7.93 -27.61 -0.14
CA LEU D 35 -6.59 -27.24 -0.57
C LEU D 35 -6.12 -28.03 -1.78
N VAL D 36 -6.59 -29.26 -1.94
CA VAL D 36 -6.20 -30.06 -3.11
C VAL D 36 -7.10 -29.78 -4.30
N VAL D 37 -8.43 -29.76 -4.08
CA VAL D 37 -9.40 -29.66 -5.18
C VAL D 37 -9.28 -28.30 -5.86
N HIS D 38 -9.21 -27.23 -5.07
CA HIS D 38 -9.03 -25.89 -5.62
C HIS D 38 -7.70 -25.74 -6.36
N SER D 39 -6.62 -26.25 -5.82
CA SER D 39 -5.30 -26.06 -6.42
C SER D 39 -5.08 -26.94 -7.64
N VAL D 40 -5.87 -28.00 -7.83
CA VAL D 40 -5.83 -28.74 -9.10
C VAL D 40 -6.85 -28.20 -10.10
N MET D 41 -7.98 -27.64 -9.64
CA MET D 41 -8.89 -26.92 -10.53
C MET D 41 -8.21 -25.69 -11.11
N GLN D 42 -7.35 -25.04 -10.31
CA GLN D 42 -6.57 -23.92 -10.82
C GLN D 42 -5.60 -24.38 -11.90
N HIS D 43 -4.95 -25.53 -11.72
CA HIS D 43 -4.05 -26.07 -12.75
C HIS D 43 -4.80 -26.29 -14.06
N ARG D 44 -5.97 -26.95 -13.96
CA ARG D 44 -6.76 -27.21 -15.17
C ARG D 44 -7.23 -25.91 -15.81
N ALA D 45 -7.67 -24.94 -15.01
CA ALA D 45 -8.20 -23.70 -15.54
C ALA D 45 -7.13 -22.77 -16.12
N ILE D 46 -5.90 -22.83 -15.62
CA ILE D 46 -4.83 -22.00 -16.16
C ILE D 46 -4.29 -22.63 -17.43
N LEU D 47 -4.18 -23.97 -17.47
CA LEU D 47 -3.77 -24.62 -18.72
C LEU D 47 -4.83 -24.42 -19.81
N ARG D 48 -6.10 -24.61 -19.46
CA ARG D 48 -7.19 -24.32 -20.38
C ARG D 48 -7.27 -22.82 -20.68
N GLY D 49 -6.93 -21.99 -19.71
CA GLY D 49 -6.90 -20.56 -19.94
C GLY D 49 -5.90 -20.14 -21.00
N VAL D 50 -4.67 -20.64 -20.93
CA VAL D 50 -3.71 -20.33 -21.99
C VAL D 50 -4.07 -21.02 -23.30
N ALA D 51 -4.76 -22.18 -23.25
CA ALA D 51 -5.17 -22.83 -24.49
C ALA D 51 -6.22 -22.00 -25.25
N GLN D 52 -7.27 -21.57 -24.56
CA GLN D 52 -8.29 -20.75 -25.20
C GLN D 52 -7.87 -19.29 -25.35
N GLN D 53 -6.76 -18.88 -24.72
CA GLN D 53 -6.14 -17.62 -25.08
C GLN D 53 -5.39 -17.74 -26.40
N ARG D 54 -4.67 -18.85 -26.59
CA ARG D 54 -3.94 -19.07 -27.82
C ARG D 54 -4.86 -19.29 -29.01
N ALA D 55 -6.02 -19.90 -28.79
CA ALA D 55 -7.00 -20.05 -29.85
C ALA D 55 -7.51 -18.69 -30.33
N ARG D 56 -7.84 -17.80 -29.39
CA ARG D 56 -8.29 -16.45 -29.76
C ARG D 56 -7.15 -15.66 -30.39
N GLU D 57 -5.91 -15.86 -29.92
CA GLU D 57 -4.77 -15.17 -30.50
C GLU D 57 -4.53 -15.62 -31.94
N ALA D 58 -4.67 -16.91 -32.21
CA ALA D 58 -4.56 -17.41 -33.58
C ALA D 58 -5.70 -16.90 -34.47
N ARG D 59 -6.91 -16.83 -33.92
CA ARG D 59 -8.03 -16.28 -34.68
C ARG D 59 -7.82 -14.81 -35.04
N LEU D 60 -7.30 -14.02 -34.09
CA LEU D 60 -7.01 -12.62 -34.36
C LEU D 60 -5.80 -12.43 -35.28
N ARG D 61 -4.82 -13.34 -35.22
CA ARG D 61 -3.72 -13.29 -36.18
C ARG D 61 -4.20 -13.61 -37.58
N ALA D 62 -5.13 -14.55 -37.71
CA ALA D 62 -5.76 -14.81 -39.01
C ALA D 62 -6.58 -13.61 -39.46
N ALA D 63 -7.25 -12.94 -38.54
CA ALA D 63 -8.02 -11.74 -38.85
C ALA D 63 -7.10 -10.51 -38.95
N MET E 12 -25.49 33.07 -30.42
CA MET E 12 -24.60 33.40 -29.32
C MET E 12 -23.70 32.21 -28.98
N GLY E 13 -22.53 32.50 -28.44
CA GLY E 13 -21.63 31.45 -27.98
C GLY E 13 -22.11 30.87 -26.66
N MET E 14 -21.93 29.56 -26.50
CA MET E 14 -22.39 28.88 -25.29
C MET E 14 -21.32 28.80 -24.22
N LEU E 15 -20.19 29.48 -24.38
CA LEU E 15 -19.18 29.58 -23.33
C LEU E 15 -18.66 31.02 -23.34
N GLU E 16 -19.13 31.82 -22.38
CA GLU E 16 -18.79 33.23 -22.31
C GLU E 16 -18.11 33.52 -20.97
N ALA E 17 -16.85 33.92 -21.02
CA ALA E 17 -16.08 34.25 -19.83
C ALA E 17 -16.08 35.77 -19.66
N ARG E 18 -16.64 36.26 -18.55
CA ARG E 18 -16.95 37.67 -18.39
C ARG E 18 -16.24 38.25 -17.17
N GLU E 19 -15.35 39.23 -17.41
CA GLU E 19 -14.79 40.12 -16.39
C GLU E 19 -14.04 39.37 -15.29
N LEU E 20 -13.28 38.35 -15.69
CA LEU E 20 -12.56 37.53 -14.72
C LEU E 20 -11.41 38.31 -14.10
N LEU E 21 -11.33 38.27 -12.77
CA LEU E 21 -10.24 38.85 -12.02
C LEU E 21 -9.67 37.76 -11.12
N CYS E 22 -8.36 37.58 -11.16
CA CYS E 22 -7.70 36.53 -10.38
C CYS E 22 -6.48 37.12 -9.69
N GLU E 23 -6.59 37.30 -8.37
CA GLU E 23 -5.49 37.85 -7.58
C GLU E 23 -4.97 36.80 -6.63
N ARG E 24 -3.70 36.41 -6.82
CA ARG E 24 -3.04 35.37 -6.03
C ARG E 24 -1.74 35.96 -5.47
N ASP E 25 -1.74 36.25 -4.17
CA ASP E 25 -0.59 36.77 -3.42
C ASP E 25 -0.06 38.07 -4.01
N GLU E 26 -0.92 39.09 -3.99
CA GLU E 26 -0.62 40.46 -4.39
C GLU E 26 -0.20 40.56 -5.86
N ARG E 27 -0.67 39.65 -6.70
CA ARG E 27 -0.42 39.68 -8.14
C ARG E 27 -1.74 39.48 -8.85
N THR E 28 -2.04 40.31 -9.86
CA THR E 28 -3.19 40.07 -10.73
C THR E 28 -2.75 39.23 -11.92
N LEU E 29 -3.16 37.95 -11.95
CA LEU E 29 -2.92 37.11 -13.12
C LEU E 29 -3.65 37.63 -14.34
N PHE E 30 -4.94 37.89 -14.20
CA PHE E 30 -5.73 38.49 -15.28
C PHE E 30 -6.91 39.22 -14.66
N SER E 31 -7.19 40.40 -15.20
CA SER E 31 -8.29 41.24 -14.71
C SER E 31 -9.16 41.63 -15.90
N GLY E 32 -10.45 41.35 -15.79
CA GLY E 32 -11.40 41.75 -16.81
C GLY E 32 -11.30 40.99 -18.12
N LEU E 33 -10.79 39.76 -18.08
CA LEU E 33 -10.70 38.96 -19.29
C LEU E 33 -12.07 38.45 -19.70
N SER E 34 -12.42 38.65 -20.97
CA SER E 34 -13.75 38.30 -21.48
C SER E 34 -13.62 37.75 -22.89
N PHE E 35 -14.25 36.60 -23.13
CA PHE E 35 -14.28 36.03 -24.48
C PHE E 35 -15.49 35.11 -24.60
N THR E 36 -16.16 35.17 -25.75
CA THR E 36 -17.28 34.30 -26.06
C THR E 36 -16.86 33.33 -27.14
N LEU E 37 -17.11 32.04 -26.94
CA LEU E 37 -16.64 30.99 -27.84
C LEU E 37 -17.83 30.48 -28.66
N ASN E 38 -17.81 30.79 -29.95
CA ASN E 38 -18.84 30.29 -30.86
C ASN E 38 -18.62 28.80 -31.15
N ALA E 39 -19.58 28.21 -31.83
CA ALA E 39 -19.58 26.76 -32.07
C ALA E 39 -18.50 26.36 -33.04
N GLY E 40 -17.77 25.28 -32.70
CA GLY E 40 -16.82 24.67 -33.60
C GLY E 40 -15.56 25.48 -33.86
N GLU E 41 -14.71 25.64 -32.84
CA GLU E 41 -13.48 26.39 -33.00
C GLU E 41 -12.44 25.87 -32.01
N TRP E 42 -11.25 26.47 -32.03
CA TRP E 42 -10.02 25.85 -31.54
C TRP E 42 -9.16 26.79 -30.69
N VAL E 43 -9.75 27.37 -29.62
CA VAL E 43 -8.99 28.23 -28.70
C VAL E 43 -7.77 27.48 -28.15
N GLN E 44 -6.61 28.13 -28.21
CA GLN E 44 -5.41 27.69 -27.51
C GLN E 44 -4.97 28.81 -26.58
N ILE E 45 -5.11 28.59 -25.27
CA ILE E 45 -4.70 29.59 -24.29
C ILE E 45 -3.18 29.61 -24.20
N THR E 46 -2.59 30.76 -24.47
CA THR E 46 -1.15 30.93 -24.36
C THR E 46 -0.80 31.68 -23.07
N GLY E 47 0.49 31.87 -22.84
CA GLY E 47 0.94 32.52 -21.64
C GLY E 47 2.40 32.18 -21.38
N SER E 48 2.78 32.39 -20.13
CA SER E 48 4.16 32.14 -19.71
C SER E 48 4.16 31.27 -18.46
N ASN E 49 5.32 30.70 -18.16
CA ASN E 49 5.47 29.86 -16.97
C ASN E 49 5.42 30.74 -15.74
N GLY E 50 4.30 30.68 -15.02
CA GLY E 50 4.05 31.60 -13.94
C GLY E 50 2.90 32.53 -14.27
N ALA E 51 2.19 32.24 -15.36
CA ALA E 51 0.99 32.98 -15.70
C ALA E 51 -0.22 32.08 -15.60
N GLY E 52 -1.42 32.66 -15.53
CA GLY E 52 -2.61 31.88 -15.28
C GLY E 52 -3.25 31.28 -16.52
N LYS E 53 -2.60 30.29 -17.13
CA LYS E 53 -3.21 29.54 -18.22
C LYS E 53 -3.67 28.16 -17.76
N THR E 54 -3.77 27.96 -16.45
CA THR E 54 -4.42 26.75 -15.92
C THR E 54 -5.58 27.40 -15.16
N THR E 55 -5.33 28.25 -14.16
CA THR E 55 -6.42 28.80 -13.37
C THR E 55 -7.43 29.58 -14.22
N LEU E 56 -7.27 29.55 -15.55
CA LEU E 56 -8.31 29.99 -16.46
C LEU E 56 -9.14 28.84 -17.01
N LEU E 57 -8.49 27.73 -17.38
CA LEU E 57 -9.22 26.52 -17.79
C LEU E 57 -9.93 25.88 -16.60
N ARG E 58 -9.27 25.84 -15.44
CA ARG E 58 -9.89 25.29 -14.24
C ARG E 58 -11.09 26.12 -13.81
N LEU E 59 -10.96 27.44 -13.91
CA LEU E 59 -12.08 28.34 -13.61
C LEU E 59 -13.17 28.22 -14.66
N LEU E 60 -12.80 27.91 -15.91
CA LEU E 60 -13.79 27.71 -16.96
C LEU E 60 -14.61 26.43 -16.74
N THR E 61 -14.03 25.42 -16.09
CA THR E 61 -14.75 24.19 -15.81
C THR E 61 -15.70 24.34 -14.63
N GLY E 62 -15.54 25.37 -13.81
CA GLY E 62 -16.36 25.56 -12.63
C GLY E 62 -15.80 24.98 -11.35
N LEU E 63 -14.59 24.43 -11.38
CA LEU E 63 -13.97 23.90 -10.16
C LEU E 63 -13.61 25.01 -9.19
N SER E 64 -13.15 26.15 -9.72
CA SER E 64 -12.78 27.29 -8.90
C SER E 64 -13.84 28.38 -9.01
N ARG E 65 -14.17 28.99 -7.88
CA ARG E 65 -15.13 30.09 -7.88
C ARG E 65 -14.40 31.38 -8.25
N PRO E 66 -14.90 32.16 -9.21
CA PRO E 66 -14.22 33.39 -9.60
C PRO E 66 -14.32 34.45 -8.52
N ASP E 67 -13.22 35.20 -8.34
CA ASP E 67 -13.24 36.34 -7.43
C ASP E 67 -14.12 37.46 -7.99
N ALA E 68 -14.00 37.74 -9.28
CA ALA E 68 -14.86 38.68 -9.97
C ALA E 68 -15.14 38.14 -11.36
N GLY E 69 -16.28 38.53 -11.92
CA GLY E 69 -16.73 37.97 -13.18
C GLY E 69 -17.29 36.58 -13.00
N GLU E 70 -17.67 35.97 -14.12
CA GLU E 70 -18.29 34.65 -14.07
C GLU E 70 -18.25 33.99 -15.45
N VAL E 71 -18.64 32.71 -15.47
CA VAL E 71 -18.66 31.88 -16.66
C VAL E 71 -20.11 31.60 -17.03
N LEU E 72 -20.44 31.80 -18.31
CA LEU E 72 -21.80 31.67 -18.83
C LEU E 72 -21.87 30.48 -19.76
N TRP E 73 -22.79 29.56 -19.51
CA TRP E 73 -23.04 28.41 -20.36
C TRP E 73 -24.47 28.47 -20.86
N GLN E 74 -24.65 28.69 -22.17
CA GLN E 74 -25.95 28.75 -22.84
C GLN E 74 -26.87 29.80 -22.22
N GLY E 75 -26.31 30.95 -21.87
CA GLY E 75 -27.10 32.03 -21.32
C GLY E 75 -27.41 31.91 -19.84
N GLN E 76 -26.89 30.89 -19.17
CA GLN E 76 -27.09 30.69 -17.74
C GLN E 76 -25.76 30.62 -17.01
N PRO E 77 -25.71 31.05 -15.75
CA PRO E 77 -24.48 30.89 -14.96
C PRO E 77 -24.25 29.43 -14.58
N LEU E 78 -23.11 29.21 -13.93
CA LEU E 78 -22.58 27.87 -13.76
C LEU E 78 -23.00 27.18 -12.48
N HIS E 79 -23.88 27.77 -11.67
CA HIS E 79 -24.24 27.19 -10.38
C HIS E 79 -25.63 26.57 -10.36
N GLN E 80 -26.32 26.49 -11.51
CA GLN E 80 -27.61 25.81 -11.56
C GLN E 80 -27.79 24.89 -12.76
N VAL E 81 -26.87 24.89 -13.72
CA VAL E 81 -27.05 24.16 -14.97
C VAL E 81 -25.90 23.14 -14.98
N ARG E 82 -25.48 22.77 -13.75
CA ARG E 82 -24.34 21.86 -13.57
C ARG E 82 -24.60 20.49 -14.17
N ASP E 83 -25.84 19.99 -14.06
CA ASP E 83 -26.16 18.66 -14.58
C ASP E 83 -26.07 18.60 -16.09
N SER E 84 -26.39 19.68 -16.79
CA SER E 84 -26.22 19.74 -18.23
C SER E 84 -24.82 20.14 -18.64
N TYR E 85 -24.12 20.90 -17.79
CA TYR E 85 -22.76 21.32 -18.11
C TYR E 85 -21.76 20.18 -17.99
N HIS E 86 -21.90 19.35 -16.95
CA HIS E 86 -20.99 18.23 -16.77
C HIS E 86 -21.25 17.09 -17.76
N GLN E 87 -22.41 17.09 -18.43
CA GLN E 87 -22.69 16.05 -19.40
C GLN E 87 -22.04 16.31 -20.75
N ASN E 88 -21.69 17.57 -21.06
CA ASN E 88 -21.15 17.92 -22.35
C ASN E 88 -19.70 18.40 -22.28
N LEU E 89 -19.00 18.09 -21.18
CA LEU E 89 -17.63 18.54 -21.00
C LEU E 89 -16.71 17.35 -20.79
N LEU E 90 -15.48 17.48 -21.29
CA LEU E 90 -14.41 16.52 -21.05
C LEU E 90 -13.17 17.30 -20.61
N TRP E 91 -12.77 17.10 -19.36
CA TRP E 91 -11.62 17.80 -18.80
C TRP E 91 -10.44 16.85 -18.65
N ILE E 92 -9.29 17.27 -19.16
CA ILE E 92 -8.02 16.58 -18.93
C ILE E 92 -7.09 17.56 -18.26
N GLY E 93 -6.49 17.14 -17.14
CA GLY E 93 -5.58 17.97 -16.39
C GLY E 93 -4.15 17.53 -16.48
N HIS E 94 -3.34 18.09 -15.60
CA HIS E 94 -1.98 17.69 -15.56
C HIS E 94 -1.99 16.28 -15.02
N GLN E 95 -2.59 15.99 -13.86
CA GLN E 95 -2.78 14.63 -13.39
C GLN E 95 -3.74 13.89 -14.32
N PRO E 96 -3.50 12.61 -14.59
CA PRO E 96 -4.32 11.90 -15.58
C PRO E 96 -5.76 11.68 -15.15
N GLY E 97 -6.00 11.46 -13.85
CA GLY E 97 -7.33 11.17 -13.37
C GLY E 97 -7.75 9.73 -13.51
N ILE E 98 -6.80 8.80 -13.56
CA ILE E 98 -7.10 7.38 -13.71
C ILE E 98 -6.55 6.63 -12.51
N LYS E 99 -7.33 5.65 -12.04
CA LYS E 99 -6.89 4.78 -10.96
C LYS E 99 -5.75 3.90 -11.45
N THR E 100 -4.57 4.07 -10.86
CA THR E 100 -3.37 3.40 -11.37
C THR E 100 -3.34 1.92 -11.03
N ARG E 101 -3.99 1.50 -9.94
CA ARG E 101 -3.91 0.12 -9.52
C ARG E 101 -4.66 -0.83 -10.45
N LEU E 102 -5.66 -0.34 -11.19
CA LEU E 102 -6.40 -1.17 -12.12
C LEU E 102 -5.64 -1.34 -13.43
N THR E 103 -6.29 -1.97 -14.39
CA THR E 103 -5.78 -1.98 -15.75
C THR E 103 -6.42 -0.86 -16.55
N ALA E 104 -6.07 -0.80 -17.84
CA ALA E 104 -6.62 0.26 -18.68
C ALA E 104 -8.09 0.03 -19.00
N LEU E 105 -8.54 -1.23 -18.99
CA LEU E 105 -9.87 -1.56 -19.47
C LEU E 105 -10.95 -1.02 -18.55
N GLU E 106 -10.88 -1.33 -17.26
CA GLU E 106 -11.88 -0.79 -16.34
C GLU E 106 -11.65 0.69 -16.04
N ASN E 107 -10.41 1.18 -16.19
CA ASN E 107 -10.16 2.61 -16.06
C ASN E 107 -10.89 3.39 -17.15
N LEU E 108 -10.90 2.88 -18.38
CA LEU E 108 -11.71 3.50 -19.42
C LEU E 108 -13.19 3.15 -19.30
N HIS E 109 -13.52 2.00 -18.71
CA HIS E 109 -14.91 1.58 -18.54
C HIS E 109 -15.62 2.34 -17.42
N PHE E 110 -14.87 3.02 -16.55
CA PHE E 110 -15.45 3.98 -15.62
C PHE E 110 -16.25 5.02 -16.41
N TYR E 111 -15.61 5.63 -17.41
CA TYR E 111 -16.28 6.61 -18.23
C TYR E 111 -17.21 5.89 -19.22
N HIS E 112 -18.09 6.68 -19.85
CA HIS E 112 -19.23 6.12 -20.56
C HIS E 112 -18.79 5.35 -21.81
N ARG E 113 -19.72 4.56 -22.34
CA ARG E 113 -19.50 3.61 -23.43
C ARG E 113 -18.45 2.62 -22.99
N ASP E 114 -17.35 2.44 -23.72
CA ASP E 114 -16.29 1.44 -23.49
C ASP E 114 -16.96 0.06 -23.49
N GLY E 115 -16.53 -0.87 -22.63
CA GLY E 115 -17.19 -2.15 -22.54
C GLY E 115 -16.98 -3.04 -23.75
N ASP E 116 -18.02 -3.17 -24.56
CA ASP E 116 -18.00 -3.97 -25.77
C ASP E 116 -17.04 -3.38 -26.80
N THR E 117 -16.75 -4.19 -27.83
CA THR E 117 -15.73 -3.84 -28.82
C THR E 117 -16.14 -2.71 -29.75
N ALA E 118 -17.40 -2.28 -29.72
CA ALA E 118 -17.82 -1.16 -30.57
C ALA E 118 -17.18 0.15 -30.12
N GLN E 119 -17.04 0.35 -28.82
CA GLN E 119 -16.43 1.56 -28.29
C GLN E 119 -15.18 1.30 -27.47
N CYS E 120 -14.95 0.06 -27.03
CA CYS E 120 -13.71 -0.32 -26.36
C CYS E 120 -12.89 -1.19 -27.29
N LEU E 121 -11.63 -1.38 -26.92
CA LEU E 121 -10.61 -2.17 -27.63
C LEU E 121 -10.21 -1.55 -28.98
N GLU E 122 -10.84 -0.47 -29.40
CA GLU E 122 -10.42 0.29 -30.58
C GLU E 122 -10.15 1.75 -30.28
N ALA E 123 -10.79 2.34 -29.26
CA ALA E 123 -10.38 3.64 -28.79
C ALA E 123 -9.03 3.58 -28.09
N LEU E 124 -8.76 2.46 -27.40
CA LEU E 124 -7.43 2.22 -26.86
C LEU E 124 -6.43 1.92 -27.96
N ALA E 125 -6.88 1.31 -29.06
CA ALA E 125 -5.98 0.97 -30.16
C ALA E 125 -5.62 2.19 -30.99
N GLN E 126 -6.56 3.13 -31.16
CA GLN E 126 -6.28 4.35 -31.91
C GLN E 126 -5.32 5.27 -31.17
N ALA E 127 -5.24 5.18 -29.85
CA ALA E 127 -4.30 5.98 -29.09
C ALA E 127 -2.90 5.41 -29.10
N GLY E 128 -2.69 4.24 -29.68
CA GLY E 128 -1.39 3.61 -29.73
C GLY E 128 -1.12 2.59 -28.65
N LEU E 129 -2.15 2.07 -27.99
CA LEU E 129 -2.01 1.11 -26.91
C LEU E 129 -2.54 -0.27 -27.31
N ALA E 130 -2.28 -0.69 -28.55
CA ALA E 130 -2.68 -2.01 -28.99
C ALA E 130 -1.84 -3.07 -28.29
N GLY E 131 -2.49 -4.08 -27.74
CA GLY E 131 -1.82 -5.07 -26.93
C GLY E 131 -1.51 -4.64 -25.51
N PHE E 132 -1.98 -3.46 -25.10
CA PHE E 132 -1.72 -2.92 -23.78
C PHE E 132 -3.02 -2.59 -23.06
N GLU E 133 -4.03 -3.44 -23.22
CA GLU E 133 -5.35 -3.15 -22.67
C GLU E 133 -5.57 -3.78 -21.30
N ASP E 134 -5.10 -5.01 -21.11
CA ASP E 134 -5.30 -5.72 -19.86
C ASP E 134 -4.08 -5.69 -18.95
N ILE E 135 -3.11 -4.82 -19.24
CA ILE E 135 -1.95 -4.64 -18.37
C ILE E 135 -2.27 -3.55 -17.36
N PRO E 136 -1.89 -3.69 -16.10
CA PRO E 136 -2.13 -2.63 -15.11
C PRO E 136 -1.36 -1.36 -15.43
N VAL E 137 -1.91 -0.25 -14.95
CA VAL E 137 -1.33 1.06 -15.21
C VAL E 137 -0.10 1.31 -14.34
N ASN E 138 0.13 0.48 -13.32
CA ASN E 138 1.32 0.61 -12.49
C ASN E 138 2.59 0.34 -13.28
N GLN E 139 2.59 -0.70 -14.12
CA GLN E 139 3.75 -1.00 -14.95
C GLN E 139 3.68 -0.35 -16.32
N LEU E 140 2.70 0.51 -16.56
CA LEU E 140 2.66 1.26 -17.81
C LEU E 140 3.62 2.44 -17.72
N SER E 141 4.13 2.84 -18.88
CA SER E 141 5.00 4.00 -18.94
C SER E 141 4.21 5.28 -18.71
N ALA E 142 4.93 6.34 -18.31
CA ALA E 142 4.28 7.62 -18.00
C ALA E 142 3.62 8.20 -19.25
N GLY E 143 4.27 8.08 -20.40
CA GLY E 143 3.62 8.45 -21.65
C GLY E 143 2.40 7.60 -21.95
N GLN E 144 2.50 6.30 -21.69
CA GLN E 144 1.34 5.44 -21.86
C GLN E 144 0.31 5.67 -20.75
N GLN E 145 0.75 6.07 -19.56
CA GLN E 145 -0.19 6.44 -18.50
C GLN E 145 -1.04 7.64 -18.91
N ARG E 146 -0.41 8.64 -19.52
CA ARG E 146 -1.20 9.76 -20.05
C ARG E 146 -1.96 9.39 -21.31
N ARG E 147 -1.46 8.42 -22.09
CA ARG E 147 -2.17 7.98 -23.28
C ARG E 147 -3.47 7.26 -22.93
N VAL E 148 -3.49 6.55 -21.80
CA VAL E 148 -4.71 5.90 -21.33
C VAL E 148 -5.79 6.95 -21.06
N ALA E 149 -5.42 8.03 -20.38
CA ALA E 149 -6.38 9.10 -20.10
C ALA E 149 -6.76 9.86 -21.36
N LEU E 150 -5.82 9.99 -22.31
CA LEU E 150 -6.10 10.75 -23.53
C LEU E 150 -6.81 9.92 -24.59
N ALA E 151 -6.93 8.61 -24.38
CA ALA E 151 -7.73 7.77 -25.26
C ALA E 151 -9.22 8.02 -25.13
N ARG E 152 -9.64 8.81 -24.13
CA ARG E 152 -11.04 9.15 -23.93
C ARG E 152 -11.63 9.96 -25.07
N LEU E 153 -10.79 10.67 -25.84
CA LEU E 153 -11.28 11.50 -26.94
C LEU E 153 -11.92 10.68 -28.06
N TRP E 154 -11.58 9.40 -28.17
CA TRP E 154 -12.04 8.58 -29.29
C TRP E 154 -13.34 7.83 -28.99
N LEU E 155 -13.88 7.95 -27.77
CA LEU E 155 -15.14 7.30 -27.44
C LEU E 155 -16.20 8.23 -26.89
N THR E 156 -15.84 9.44 -26.48
CA THR E 156 -16.79 10.36 -25.88
C THR E 156 -17.66 11.02 -26.94
N ARG E 157 -18.77 11.64 -26.50
CA ARG E 157 -19.55 12.49 -27.37
C ARG E 157 -19.55 13.93 -26.86
N ALA E 158 -18.62 14.30 -25.97
CA ALA E 158 -18.66 15.59 -25.32
C ALA E 158 -18.33 16.70 -26.31
N THR E 159 -19.19 17.73 -26.33
CA THR E 159 -19.00 18.84 -27.26
C THR E 159 -17.80 19.69 -26.86
N LEU E 160 -17.70 20.03 -25.58
CA LEU E 160 -16.64 20.91 -25.09
C LEU E 160 -15.52 20.07 -24.48
N TRP E 161 -14.31 20.25 -25.00
CA TRP E 161 -13.11 19.59 -24.48
C TRP E 161 -12.21 20.67 -23.91
N ILE E 162 -11.73 20.48 -22.69
CA ILE E 162 -10.77 21.38 -22.06
C ILE E 162 -9.59 20.52 -21.62
N LEU E 163 -8.43 20.73 -22.26
CA LEU E 163 -7.28 19.86 -22.10
C LEU E 163 -6.06 20.68 -21.72
N ASP E 164 -5.70 20.58 -20.49
CA ASP E 164 -4.52 21.22 -20.13
C ASP E 164 -3.37 20.31 -20.46
N GLN E 165 -2.36 20.81 -21.13
CA GLN E 165 -1.18 20.10 -21.60
C GLN E 165 -1.51 18.70 -22.10
N PRO E 166 -2.16 18.55 -23.26
CA PRO E 166 -2.39 17.20 -23.79
C PRO E 166 -1.13 16.56 -24.35
N PHE E 167 -0.33 17.32 -25.09
CA PHE E 167 0.85 16.78 -25.76
C PHE E 167 2.08 16.97 -24.89
N THR E 168 2.09 16.23 -23.78
CA THR E 168 3.25 16.15 -22.91
C THR E 168 3.62 14.69 -22.69
N ALA E 169 4.93 14.41 -22.74
CA ALA E 169 5.49 13.05 -22.65
C ALA E 169 4.89 12.12 -23.70
N ILE E 170 4.64 12.65 -24.90
CA ILE E 170 4.00 11.90 -25.98
C ILE E 170 4.84 12.09 -27.24
N ASP E 171 5.15 10.98 -27.91
CA ASP E 171 5.98 11.01 -29.11
C ASP E 171 5.23 11.68 -30.26
N VAL E 172 5.99 11.96 -31.33
CA VAL E 172 5.52 12.85 -32.40
C VAL E 172 4.33 12.24 -33.14
N ASN E 173 4.33 10.92 -33.32
CA ASN E 173 3.20 10.25 -33.94
C ASN E 173 1.93 10.40 -33.09
N GLY E 174 2.10 10.35 -31.76
CA GLY E 174 0.97 10.56 -30.88
C GLY E 174 0.40 11.96 -30.98
N VAL E 175 1.27 12.97 -31.05
CA VAL E 175 0.80 14.35 -31.22
C VAL E 175 0.11 14.52 -32.56
N ASP E 176 0.64 13.88 -33.61
CA ASP E 176 0.01 13.96 -34.93
C ASP E 176 -1.38 13.34 -34.92
N ARG E 177 -1.53 12.17 -34.30
CA ARG E 177 -2.83 11.52 -34.22
C ARG E 177 -3.80 12.30 -33.36
N LEU E 178 -3.31 12.88 -32.25
CA LEU E 178 -4.15 13.69 -31.38
C LEU E 178 -4.64 14.95 -32.10
N THR E 179 -3.75 15.61 -32.84
CA THR E 179 -4.16 16.78 -33.60
C THR E 179 -5.12 16.43 -34.73
N GLN E 180 -4.95 15.26 -35.35
CA GLN E 180 -5.90 14.83 -36.37
C GLN E 180 -7.29 14.59 -35.78
N ARG E 181 -7.35 13.87 -34.64
CA ARG E 181 -8.64 13.62 -33.99
C ARG E 181 -9.28 14.92 -33.51
N MET E 182 -8.46 15.85 -33.00
CA MET E 182 -8.95 17.14 -32.57
C MET E 182 -9.46 17.96 -33.75
N ALA E 183 -8.83 17.84 -34.92
CA ALA E 183 -9.33 18.51 -36.12
C ALA E 183 -10.66 17.93 -36.57
N GLN E 184 -10.82 16.59 -36.51
CA GLN E 184 -12.10 15.99 -36.84
C GLN E 184 -13.19 16.43 -35.87
N HIS E 185 -12.85 16.59 -34.59
CA HIS E 185 -13.82 17.12 -33.64
C HIS E 185 -14.11 18.60 -33.90
N THR E 186 -13.12 19.33 -34.39
CA THR E 186 -13.29 20.77 -34.60
C THR E 186 -14.14 21.07 -35.82
N GLU E 187 -14.07 20.22 -36.86
CA GLU E 187 -14.87 20.43 -38.06
C GLU E 187 -16.36 20.31 -37.77
N GLN E 188 -16.75 19.40 -36.86
CA GLN E 188 -18.13 19.30 -36.44
C GLN E 188 -18.39 20.31 -35.33
N GLY E 189 -19.56 20.21 -34.69
CA GLY E 189 -19.87 21.11 -33.60
C GLY E 189 -19.16 20.72 -32.31
N GLY E 190 -18.13 21.48 -31.94
CA GLY E 190 -17.36 21.18 -30.76
C GLY E 190 -16.19 22.12 -30.56
N ILE E 191 -15.94 22.53 -29.32
CA ILE E 191 -14.92 23.49 -28.98
C ILE E 191 -13.87 22.80 -28.12
N VAL E 192 -12.61 22.86 -28.56
CA VAL E 192 -11.50 22.32 -27.78
C VAL E 192 -10.62 23.49 -27.34
N ILE E 193 -10.32 23.54 -26.05
CA ILE E 193 -9.48 24.57 -25.45
C ILE E 193 -8.28 23.88 -24.84
N LEU E 194 -7.11 24.05 -25.46
CA LEU E 194 -5.90 23.43 -24.98
C LEU E 194 -4.90 24.48 -24.53
N THR E 195 -3.82 24.01 -23.90
CA THR E 195 -2.74 24.88 -23.44
C THR E 195 -1.46 24.07 -23.48
N THR E 196 -0.63 24.30 -24.49
CA THR E 196 0.64 23.61 -24.64
C THR E 196 1.74 24.62 -24.97
N HIS E 197 2.98 24.23 -24.69
CA HIS E 197 4.11 25.12 -24.93
C HIS E 197 4.69 24.97 -26.32
N GLN E 198 4.81 23.75 -26.83
CA GLN E 198 5.32 23.54 -28.17
C GLN E 198 4.29 23.99 -29.20
N PRO E 199 4.75 24.48 -30.35
CA PRO E 199 3.81 24.82 -31.43
C PRO E 199 3.26 23.55 -32.07
N LEU E 200 1.94 23.41 -32.03
CA LEU E 200 1.27 22.27 -32.63
C LEU E 200 1.24 22.46 -34.14
N ASN E 201 1.49 21.39 -34.88
CA ASN E 201 1.61 21.46 -36.34
C ASN E 201 0.22 21.60 -36.94
N VAL E 202 -0.31 22.82 -36.91
CA VAL E 202 -1.57 23.13 -37.56
C VAL E 202 -1.45 24.53 -38.16
N ALA E 203 -2.28 24.82 -39.14
CA ALA E 203 -2.28 26.13 -39.75
C ALA E 203 -2.79 27.19 -38.77
N GLU E 204 -2.27 28.41 -38.90
CA GLU E 204 -2.67 29.53 -38.05
C GLU E 204 -4.11 29.95 -38.31
N SER E 205 -4.63 29.66 -39.50
CA SER E 205 -5.92 30.18 -39.94
C SER E 205 -7.08 29.63 -39.12
N LYS E 206 -7.04 28.35 -38.73
CA LYS E 206 -8.16 27.80 -37.98
C LYS E 206 -8.00 27.96 -36.46
N ILE E 207 -6.77 27.89 -35.95
CA ILE E 207 -6.55 28.04 -34.53
C ILE E 207 -6.74 29.50 -34.13
N ARG E 208 -7.26 29.71 -32.92
CA ARG E 208 -7.57 31.03 -32.39
C ARG E 208 -6.85 31.20 -31.06
N ARG E 209 -6.10 32.30 -30.92
CA ARG E 209 -5.26 32.51 -29.75
C ARG E 209 -5.89 33.58 -28.86
N ILE E 210 -6.33 33.17 -27.67
CA ILE E 210 -6.82 34.09 -26.65
C ILE E 210 -5.71 34.27 -25.63
N SER E 211 -4.97 35.36 -25.76
CA SER E 211 -3.79 35.60 -24.93
C SER E 211 -4.19 36.21 -23.59
N LEU E 212 -3.35 35.96 -22.59
CA LEU E 212 -3.54 36.57 -21.27
C LEU E 212 -3.16 38.04 -21.31
N THR E 213 -3.94 38.86 -20.64
CA THR E 213 -3.69 40.29 -20.55
C THR E 213 -3.48 40.69 -19.09
N GLN E 214 -2.61 41.68 -18.88
CA GLN E 214 -2.28 42.14 -17.54
C GLN E 214 -2.33 43.66 -17.46
N MET F 2 -24.36 5.55 -12.55
CA MET F 2 -23.02 6.01 -12.14
C MET F 2 -22.82 5.75 -10.67
N PHE F 3 -23.93 5.70 -9.94
CA PHE F 3 -23.93 5.45 -8.50
C PHE F 3 -23.34 4.08 -8.17
N TRP F 4 -24.00 3.03 -8.65
CA TRP F 4 -23.52 1.67 -8.41
C TRP F 4 -22.22 1.40 -9.13
N ARG F 5 -21.95 2.10 -10.23
CA ARG F 5 -20.66 1.95 -10.91
C ARG F 5 -19.53 2.50 -10.05
N ILE F 6 -19.75 3.63 -9.37
CA ILE F 6 -18.75 4.16 -8.45
C ILE F 6 -18.58 3.23 -7.25
N PHE F 7 -19.69 2.64 -6.77
CA PHE F 7 -19.64 1.69 -5.66
C PHE F 7 -18.78 0.48 -6.03
N ARG F 8 -19.05 -0.10 -7.21
CA ARG F 8 -18.28 -1.24 -7.68
C ARG F 8 -16.84 -0.86 -7.98
N LEU F 9 -16.60 0.36 -8.43
CA LEU F 9 -15.24 0.84 -8.65
C LEU F 9 -14.46 0.90 -7.34
N GLU F 10 -15.07 1.42 -6.29
CA GLU F 10 -14.38 1.53 -5.01
C GLU F 10 -14.14 0.15 -4.41
N LEU F 11 -15.09 -0.78 -4.61
CA LEU F 11 -14.85 -2.17 -4.23
C LEU F 11 -13.69 -2.78 -5.03
N ARG F 12 -13.61 -2.46 -6.32
CA ARG F 12 -12.56 -2.98 -7.18
C ARG F 12 -11.18 -2.46 -6.76
N VAL F 13 -11.10 -1.18 -6.38
CA VAL F 13 -9.84 -0.65 -5.87
C VAL F 13 -9.51 -1.24 -4.51
N ALA F 14 -10.52 -1.43 -3.65
CA ALA F 14 -10.27 -1.92 -2.30
C ALA F 14 -9.77 -3.37 -2.30
N PHE F 15 -10.45 -4.24 -3.03
CA PHE F 15 -10.05 -5.65 -3.13
C PHE F 15 -9.52 -5.91 -4.54
N ARG F 16 -8.23 -6.20 -4.64
CA ARG F 16 -7.55 -6.23 -5.93
C ARG F 16 -7.30 -7.61 -6.50
N HIS F 17 -7.35 -8.66 -5.69
CA HIS F 17 -7.10 -10.01 -6.17
C HIS F 17 -8.26 -10.93 -5.80
N SER F 18 -8.14 -12.19 -6.22
CA SER F 18 -9.18 -13.18 -5.93
C SER F 18 -9.28 -13.46 -4.44
N ALA F 19 -8.14 -13.59 -3.77
CA ALA F 19 -8.09 -13.80 -2.32
C ALA F 19 -7.44 -12.57 -1.69
N GLU F 20 -8.26 -11.55 -1.44
CA GLU F 20 -7.79 -10.33 -0.82
C GLU F 20 -8.76 -9.79 0.22
N ILE F 21 -9.99 -10.33 0.30
CA ILE F 21 -10.97 -9.86 1.26
C ILE F 21 -10.65 -10.30 2.68
N ALA F 22 -9.72 -11.25 2.86
CA ALA F 22 -9.40 -11.76 4.18
C ALA F 22 -8.59 -10.79 5.03
N ASN F 23 -7.94 -9.80 4.42
CA ASN F 23 -7.07 -8.89 5.16
C ASN F 23 -7.79 -8.06 6.22
N PRO F 24 -8.95 -7.44 5.96
CA PRO F 24 -9.69 -6.82 7.08
C PRO F 24 -10.20 -7.83 8.10
N LEU F 25 -10.36 -9.10 7.73
CA LEU F 25 -10.73 -10.10 8.72
C LEU F 25 -9.55 -10.47 9.60
N TRP F 26 -8.34 -10.52 9.03
CA TRP F 26 -7.18 -10.90 9.82
C TRP F 26 -6.69 -9.76 10.71
N PHE F 27 -6.83 -8.50 10.25
CA PHE F 27 -6.44 -7.37 11.10
C PHE F 27 -7.29 -7.29 12.37
N PHE F 28 -8.56 -7.66 12.25
CA PHE F 28 -9.47 -7.64 13.40
C PHE F 28 -9.03 -8.63 14.44
N LEU F 29 -8.68 -9.84 14.00
CA LEU F 29 -8.18 -10.87 14.89
C LEU F 29 -6.82 -10.50 15.46
N ILE F 30 -6.05 -9.69 14.72
CA ILE F 30 -4.78 -9.17 15.24
C ILE F 30 -5.03 -8.24 16.43
N VAL F 31 -6.02 -7.34 16.32
CA VAL F 31 -6.30 -6.45 17.45
C VAL F 31 -6.89 -7.22 18.63
N ILE F 32 -7.80 -8.16 18.34
CA ILE F 32 -8.47 -8.92 19.38
C ILE F 32 -7.49 -9.93 20.02
N THR F 33 -6.38 -10.25 19.35
CA THR F 33 -5.33 -10.98 20.04
C THR F 33 -4.31 -10.04 20.70
N LEU F 34 -4.29 -8.76 20.31
CA LEU F 34 -3.37 -7.82 20.94
C LEU F 34 -3.84 -7.46 22.34
N PHE F 35 -5.15 -7.29 22.54
CA PHE F 35 -5.59 -6.74 23.81
C PHE F 35 -5.46 -7.71 24.99
N PRO F 36 -5.91 -8.99 24.92
CA PRO F 36 -5.63 -9.91 26.04
C PRO F 36 -4.17 -10.25 26.22
N LEU F 37 -3.35 -10.09 25.19
CA LEU F 37 -1.92 -10.39 25.31
C LEU F 37 -1.21 -9.41 26.23
N SER F 38 -1.80 -8.25 26.48
CA SER F 38 -1.30 -7.29 27.44
C SER F 38 -2.10 -7.30 28.74
N ILE F 39 -3.43 -7.29 28.63
CA ILE F 39 -4.26 -7.11 29.83
C ILE F 39 -4.28 -8.38 30.67
N GLY F 40 -4.44 -9.53 30.03
CA GLY F 40 -4.44 -10.78 30.74
C GLY F 40 -5.21 -11.91 30.06
N PRO F 41 -5.03 -13.14 30.54
CA PRO F 41 -5.64 -14.30 29.90
C PRO F 41 -6.94 -14.77 30.54
N GLU F 42 -7.51 -13.98 31.44
CA GLU F 42 -8.69 -14.37 32.20
C GLU F 42 -9.94 -13.97 31.46
N PRO F 43 -10.81 -14.91 31.15
CA PRO F 43 -12.14 -14.59 30.58
C PRO F 43 -13.02 -13.64 31.40
N GLN F 44 -12.82 -13.53 32.71
CA GLN F 44 -13.65 -12.64 33.54
C GLN F 44 -13.33 -11.17 33.27
N LEU F 45 -12.04 -10.82 33.30
CA LEU F 45 -11.62 -9.45 33.01
C LEU F 45 -11.92 -9.07 31.57
N LEU F 46 -11.69 -9.99 30.64
CA LEU F 46 -11.98 -9.72 29.23
C LEU F 46 -13.48 -9.56 29.01
N ALA F 47 -14.31 -10.31 29.75
CA ALA F 47 -15.74 -10.10 29.70
C ALA F 47 -16.13 -8.74 30.24
N ARG F 48 -15.43 -8.26 31.27
CA ARG F 48 -15.71 -6.93 31.82
C ARG F 48 -15.32 -5.83 30.85
N ILE F 49 -14.22 -6.01 30.11
CA ILE F 49 -13.60 -4.93 29.35
C ILE F 49 -13.74 -5.13 27.83
N ALA F 50 -14.57 -6.07 27.40
CA ALA F 50 -14.87 -6.27 25.98
C ALA F 50 -15.35 -5.05 25.20
N PRO F 51 -16.24 -4.17 25.72
CA PRO F 51 -16.68 -3.02 24.88
C PRO F 51 -15.56 -2.13 24.36
N GLY F 52 -14.62 -1.78 25.23
CA GLY F 52 -13.50 -0.96 24.81
C GLY F 52 -12.63 -1.65 23.78
N ILE F 53 -12.42 -2.97 23.94
CA ILE F 53 -11.57 -3.71 23.02
C ILE F 53 -12.18 -3.73 21.62
N ILE F 54 -13.46 -4.12 21.53
CA ILE F 54 -14.07 -4.25 20.21
C ILE F 54 -14.26 -2.88 19.56
N TRP F 55 -14.57 -1.85 20.35
CA TRP F 55 -14.80 -0.55 19.74
C TRP F 55 -13.50 0.18 19.41
N VAL F 56 -12.41 -0.09 20.14
CA VAL F 56 -11.11 0.42 19.72
C VAL F 56 -10.66 -0.26 18.44
N ALA F 57 -10.93 -1.56 18.30
CA ALA F 57 -10.63 -2.23 17.03
C ALA F 57 -11.42 -1.62 15.87
N ALA F 58 -12.71 -1.35 16.09
CA ALA F 58 -13.54 -0.73 15.06
C ALA F 58 -13.06 0.68 14.72
N LEU F 59 -12.70 1.46 15.75
CA LEU F 59 -12.22 2.82 15.54
C LEU F 59 -10.92 2.83 14.76
N LEU F 60 -9.98 1.94 15.12
CA LEU F 60 -8.71 1.89 14.42
C LEU F 60 -8.89 1.45 12.98
N SER F 61 -9.76 0.47 12.72
CA SER F 61 -10.02 0.07 11.34
C SER F 61 -10.66 1.20 10.53
N SER F 62 -11.65 1.87 11.11
CA SER F 62 -12.32 2.96 10.39
C SER F 62 -11.37 4.12 10.10
N LEU F 63 -10.56 4.51 11.08
CA LEU F 63 -9.67 5.65 10.87
C LEU F 63 -8.49 5.26 9.99
N LEU F 64 -8.11 3.98 9.98
CA LEU F 64 -7.04 3.52 9.12
C LEU F 64 -7.48 3.44 7.67
N ALA F 65 -8.71 3.00 7.41
CA ALA F 65 -9.23 2.96 6.05
C ALA F 65 -9.83 4.29 5.61
N LEU F 66 -9.95 5.26 6.52
CA LEU F 66 -10.58 6.53 6.21
C LEU F 66 -9.70 7.46 5.37
N GLU F 67 -8.37 7.30 5.42
CA GLU F 67 -7.49 8.14 4.62
C GLU F 67 -7.69 7.89 3.14
N ARG F 68 -7.79 6.62 2.74
CA ARG F 68 -7.89 6.22 1.33
C ARG F 68 -9.18 6.70 0.66
N LEU F 69 -10.16 7.20 1.44
CA LEU F 69 -11.34 7.80 0.84
C LEU F 69 -10.97 9.00 -0.01
N PHE F 70 -10.12 9.89 0.51
CA PHE F 70 -9.89 11.18 -0.12
C PHE F 70 -8.41 11.52 -0.36
N ARG F 71 -7.48 11.03 0.45
CA ARG F 71 -6.07 11.36 0.25
C ARG F 71 -5.48 10.71 -0.99
N ASP F 72 -5.93 9.50 -1.33
CA ASP F 72 -5.48 8.84 -2.55
C ASP F 72 -5.99 9.59 -3.78
N ASP F 73 -7.24 10.07 -3.73
CA ASP F 73 -7.85 10.67 -4.91
C ASP F 73 -7.32 12.06 -5.25
N LEU F 74 -6.61 12.71 -4.32
CA LEU F 74 -5.99 13.99 -4.65
C LEU F 74 -4.73 13.81 -5.46
N GLN F 75 -3.79 13.00 -4.95
CA GLN F 75 -2.51 12.82 -5.63
C GLN F 75 -2.67 12.05 -6.94
N ASP F 76 -3.69 11.20 -7.03
CA ASP F 76 -4.03 10.59 -8.32
C ASP F 76 -4.63 11.65 -9.23
N GLY F 77 -5.56 12.44 -8.71
CA GLY F 77 -6.21 13.49 -9.47
C GLY F 77 -7.57 13.14 -10.00
N SER F 78 -8.09 11.94 -9.69
CA SER F 78 -9.37 11.50 -10.20
C SER F 78 -10.55 12.12 -9.48
N LEU F 79 -10.34 12.79 -8.34
CA LEU F 79 -11.45 13.37 -7.60
C LEU F 79 -12.02 14.58 -8.34
N GLU F 80 -11.18 15.29 -9.09
CA GLU F 80 -11.66 16.42 -9.90
C GLU F 80 -12.63 15.94 -10.97
N GLN F 81 -12.29 14.87 -11.67
CA GLN F 81 -13.17 14.32 -12.69
C GLN F 81 -14.34 13.55 -12.10
N LEU F 82 -14.23 13.11 -10.84
CA LEU F 82 -15.39 12.61 -10.11
C LEU F 82 -16.36 13.74 -9.81
N MET F 83 -15.82 14.93 -9.49
CA MET F 83 -16.65 16.10 -9.30
C MET F 83 -17.26 16.59 -10.60
N LEU F 84 -16.58 16.35 -11.72
CA LEU F 84 -17.09 16.71 -13.04
C LEU F 84 -17.98 15.64 -13.65
N LEU F 85 -18.24 14.56 -12.93
CA LEU F 85 -19.11 13.51 -13.42
C LEU F 85 -20.56 14.00 -13.48
N PRO F 86 -21.37 13.48 -14.41
CA PRO F 86 -22.77 13.94 -14.53
C PRO F 86 -23.68 13.35 -13.44
N LEU F 87 -23.39 13.71 -12.19
CA LEU F 87 -24.11 13.23 -11.01
C LEU F 87 -23.72 14.12 -9.85
N PRO F 88 -24.66 14.43 -8.94
CA PRO F 88 -24.32 15.30 -7.81
C PRO F 88 -23.23 14.73 -6.91
N LEU F 89 -22.40 15.63 -6.40
CA LEU F 89 -21.33 15.25 -5.48
C LEU F 89 -21.78 14.54 -4.19
N PRO F 90 -22.88 14.94 -3.50
CA PRO F 90 -23.26 14.18 -2.29
C PRO F 90 -23.55 12.71 -2.51
N ALA F 91 -24.15 12.34 -3.64
CA ALA F 91 -24.38 10.92 -3.90
C ALA F 91 -23.10 10.18 -4.23
N VAL F 92 -22.15 10.86 -4.88
CA VAL F 92 -20.82 10.28 -5.12
C VAL F 92 -20.11 10.00 -3.80
N VAL F 93 -20.16 10.97 -2.88
CA VAL F 93 -19.56 10.80 -1.57
C VAL F 93 -20.27 9.70 -0.78
N LEU F 94 -21.60 9.63 -0.90
CA LEU F 94 -22.35 8.58 -0.22
C LEU F 94 -21.96 7.20 -0.74
N ALA F 95 -21.78 7.07 -2.06
CA ALA F 95 -21.31 5.81 -2.63
C ALA F 95 -19.92 5.45 -2.13
N LYS F 96 -19.02 6.43 -2.08
CA LYS F 96 -17.64 6.17 -1.66
C LYS F 96 -17.58 5.75 -0.20
N VAL F 97 -18.30 6.45 0.67
CA VAL F 97 -18.24 6.13 2.10
C VAL F 97 -19.04 4.86 2.40
N MET F 98 -20.08 4.56 1.62
CA MET F 98 -20.79 3.29 1.79
C MET F 98 -19.91 2.11 1.38
N ALA F 99 -19.15 2.27 0.29
CA ALA F 99 -18.18 1.23 -0.08
C ALA F 99 -17.10 1.11 1.00
N HIS F 100 -16.68 2.24 1.58
CA HIS F 100 -15.73 2.20 2.69
C HIS F 100 -16.29 1.45 3.89
N TRP F 101 -17.58 1.62 4.17
CA TRP F 101 -18.25 0.84 5.21
C TRP F 101 -18.22 -0.65 4.87
N MET F 102 -18.42 -0.98 3.60
CA MET F 102 -18.29 -2.37 3.17
C MET F 102 -16.86 -2.89 3.32
N VAL F 103 -15.85 -2.02 3.27
CA VAL F 103 -14.50 -2.47 3.59
C VAL F 103 -14.34 -2.76 5.08
N THR F 104 -15.01 -2.03 5.95
CA THR F 104 -14.80 -2.15 7.39
C THR F 104 -15.96 -2.78 8.15
N GLY F 105 -17.18 -2.25 7.99
CA GLY F 105 -18.29 -2.67 8.85
C GLY F 105 -18.74 -4.09 8.61
N LEU F 106 -18.74 -4.53 7.35
CA LEU F 106 -19.12 -5.91 7.06
C LEU F 106 -18.11 -6.90 7.63
N PRO F 107 -16.79 -6.64 7.64
CA PRO F 107 -15.91 -7.47 8.47
C PRO F 107 -16.26 -7.45 9.96
N LEU F 108 -16.74 -6.33 10.52
CA LEU F 108 -17.14 -6.32 11.92
C LEU F 108 -18.28 -7.31 12.15
N LEU F 109 -19.31 -7.22 11.30
CA LEU F 109 -20.48 -8.07 11.45
C LEU F 109 -20.16 -9.53 11.14
N ILE F 110 -19.18 -9.79 10.27
CA ILE F 110 -18.82 -11.16 9.94
C ILE F 110 -18.02 -11.79 11.07
N LEU F 111 -17.06 -11.06 11.63
CA LEU F 111 -16.21 -11.63 12.68
C LEU F 111 -16.78 -11.44 14.07
N SER F 112 -17.97 -10.86 14.20
CA SER F 112 -18.62 -10.76 15.51
C SER F 112 -18.80 -12.08 16.28
N PRO F 113 -19.26 -13.21 15.71
CA PRO F 113 -19.36 -14.42 16.55
C PRO F 113 -18.02 -15.00 16.95
N LEU F 114 -16.99 -14.90 16.09
CA LEU F 114 -15.67 -15.40 16.45
C LEU F 114 -15.06 -14.60 17.59
N VAL F 115 -15.18 -13.27 17.55
CA VAL F 115 -14.67 -12.49 18.67
C VAL F 115 -15.56 -12.61 19.90
N ALA F 116 -16.85 -12.90 19.74
CA ALA F 116 -17.69 -13.16 20.90
C ALA F 116 -17.32 -14.48 21.56
N MET F 117 -16.87 -15.45 20.77
CA MET F 117 -16.37 -16.71 21.32
C MET F 117 -14.98 -16.54 21.93
N LEU F 118 -14.15 -15.67 21.36
CA LEU F 118 -12.76 -15.51 21.82
C LEU F 118 -12.71 -14.76 23.15
N LEU F 119 -13.12 -13.50 23.15
CA LEU F 119 -13.31 -12.79 24.41
C LEU F 119 -14.67 -13.16 24.96
N GLY F 120 -14.66 -13.82 26.12
CA GLY F 120 -15.83 -14.52 26.64
C GLY F 120 -17.07 -13.68 26.87
N MET F 121 -18.13 -13.97 26.13
CA MET F 121 -19.39 -13.28 26.27
C MET F 121 -20.52 -14.28 26.06
N ASP F 122 -21.75 -13.80 26.17
CA ASP F 122 -22.94 -14.64 26.03
C ASP F 122 -23.66 -14.32 24.73
N VAL F 123 -24.76 -15.03 24.50
CA VAL F 123 -25.53 -14.87 23.26
C VAL F 123 -26.19 -13.49 23.21
N TYR F 124 -26.70 -13.01 24.36
CA TYR F 124 -27.28 -11.68 24.41
C TYR F 124 -26.24 -10.60 24.16
N GLY F 125 -25.03 -10.78 24.70
CA GLY F 125 -23.97 -9.82 24.44
C GLY F 125 -23.53 -9.81 22.99
N TRP F 126 -23.47 -11.00 22.36
CA TRP F 126 -23.13 -11.07 20.94
C TRP F 126 -24.20 -10.42 20.09
N GLN F 127 -25.48 -10.63 20.42
CA GLN F 127 -26.57 -10.00 19.69
C GLN F 127 -26.52 -8.48 19.82
N VAL F 128 -26.29 -7.98 21.05
CA VAL F 128 -26.18 -6.55 21.28
C VAL F 128 -25.00 -5.97 20.52
N MET F 129 -23.86 -6.67 20.54
CA MET F 129 -22.66 -6.23 19.81
C MET F 129 -22.93 -6.14 18.32
N ALA F 130 -23.56 -7.16 17.74
CA ALA F 130 -23.83 -7.17 16.30
C ALA F 130 -24.78 -6.05 15.92
N LEU F 131 -25.85 -5.86 16.70
CA LEU F 131 -26.81 -4.81 16.41
C LEU F 131 -26.19 -3.42 16.51
N THR F 132 -25.40 -3.16 17.56
CA THR F 132 -24.83 -1.83 17.69
C THR F 132 -23.68 -1.60 16.72
N LEU F 133 -23.01 -2.65 16.26
CA LEU F 133 -21.96 -2.45 15.27
C LEU F 133 -22.55 -2.14 13.91
N LEU F 134 -23.63 -2.86 13.55
CA LEU F 134 -24.37 -2.54 12.32
C LEU F 134 -24.94 -1.13 12.38
N LEU F 135 -25.40 -0.70 13.56
CA LEU F 135 -25.94 0.64 13.69
C LEU F 135 -24.88 1.72 13.96
N GLY F 136 -23.63 1.35 14.18
CA GLY F 136 -22.63 2.34 14.53
C GLY F 136 -21.44 2.52 13.61
N THR F 137 -21.02 1.49 12.87
CA THR F 137 -19.89 1.65 11.96
C THR F 137 -20.17 2.64 10.80
N PRO F 138 -21.35 2.64 10.15
CA PRO F 138 -21.63 3.73 9.21
C PRO F 138 -21.62 5.11 9.85
N THR F 139 -22.05 5.23 11.11
CA THR F 139 -21.95 6.51 11.81
C THR F 139 -20.48 6.91 11.99
N LEU F 140 -19.63 5.94 12.30
CA LEU F 140 -18.20 6.22 12.46
C LEU F 140 -17.60 6.75 11.16
N GLY F 141 -17.94 6.10 10.04
CA GLY F 141 -17.46 6.60 8.76
C GLY F 141 -18.03 7.97 8.40
N PHE F 142 -19.31 8.18 8.68
CA PHE F 142 -19.98 9.41 8.30
C PHE F 142 -19.54 10.60 9.16
N LEU F 143 -19.08 10.33 10.39
CA LEU F 143 -18.49 11.39 11.19
C LEU F 143 -17.02 11.59 10.91
N GLY F 144 -16.31 10.54 10.46
CA GLY F 144 -14.91 10.70 10.15
C GLY F 144 -14.60 11.33 8.81
N ALA F 145 -15.52 11.22 7.85
CA ALA F 145 -15.23 11.74 6.51
C ALA F 145 -15.20 13.27 6.39
N PRO F 146 -16.03 14.06 7.11
CA PRO F 146 -15.86 15.53 7.04
C PRO F 146 -14.48 16.04 7.44
N GLY F 147 -13.84 15.42 8.44
CA GLY F 147 -12.51 15.85 8.84
C GLY F 147 -11.47 15.58 7.78
N VAL F 148 -11.50 14.40 7.18
CA VAL F 148 -10.54 14.04 6.13
C VAL F 148 -10.79 14.87 4.87
N ALA F 149 -12.05 15.21 4.61
CA ALA F 149 -12.38 16.01 3.43
C ALA F 149 -11.75 17.40 3.50
N LEU F 150 -11.72 17.99 4.70
CA LEU F 150 -11.06 19.27 4.87
C LEU F 150 -9.55 19.11 4.97
N THR F 151 -9.09 18.00 5.56
CA THR F 151 -7.68 17.85 5.91
C THR F 151 -6.77 17.73 4.68
N VAL F 152 -7.10 16.84 3.74
CA VAL F 152 -6.21 16.51 2.62
C VAL F 152 -6.12 17.67 1.63
N GLY F 153 -7.17 18.48 1.53
CA GLY F 153 -7.13 19.63 0.64
C GLY F 153 -6.86 20.94 1.36
N LEU F 154 -5.75 21.02 2.10
CA LEU F 154 -5.38 22.23 2.82
C LEU F 154 -3.85 22.27 2.93
N LYS F 155 -3.27 23.34 2.42
CA LYS F 155 -1.82 23.51 2.48
C LYS F 155 -1.38 24.08 3.82
N ARG F 156 -1.90 25.26 4.18
CA ARG F 156 -1.52 25.95 5.41
C ARG F 156 -1.94 25.11 6.61
N GLY F 157 -3.21 24.71 6.66
CA GLY F 157 -3.67 23.70 7.58
C GLY F 157 -3.58 24.14 9.03
N GLY F 158 -3.60 23.15 9.91
CA GLY F 158 -3.37 23.37 11.32
C GLY F 158 -3.62 22.12 12.11
N VAL F 159 -3.14 22.11 13.35
CA VAL F 159 -3.54 21.09 14.31
C VAL F 159 -5.02 21.22 14.62
N LEU F 160 -5.53 22.46 14.57
CA LEU F 160 -6.95 22.75 14.81
C LEU F 160 -7.88 22.07 13.80
N LEU F 161 -7.40 21.71 12.61
CA LEU F 161 -8.21 20.95 11.67
C LEU F 161 -8.38 19.49 12.09
N SER F 162 -7.42 18.93 12.81
CA SER F 162 -7.54 17.58 13.35
C SER F 162 -8.53 17.50 14.51
N ILE F 163 -8.96 18.65 15.06
CA ILE F 163 -10.01 18.67 16.06
C ILE F 163 -11.34 18.24 15.46
N LEU F 164 -11.60 18.57 14.19
CA LEU F 164 -12.90 18.27 13.59
C LEU F 164 -13.13 16.78 13.37
N VAL F 165 -12.07 15.96 13.29
CA VAL F 165 -12.27 14.56 12.94
C VAL F 165 -12.33 13.64 14.17
N LEU F 166 -11.23 13.53 14.92
CA LEU F 166 -11.17 12.48 15.94
C LEU F 166 -11.82 12.91 17.27
N PRO F 167 -11.67 14.15 17.75
CA PRO F 167 -12.55 14.62 18.83
C PRO F 167 -14.05 14.47 18.57
N LEU F 168 -14.50 14.39 17.32
CA LEU F 168 -15.92 14.20 17.02
C LEU F 168 -16.44 12.82 17.36
N THR F 169 -15.55 11.90 17.75
CA THR F 169 -15.87 10.51 18.01
C THR F 169 -16.46 10.29 19.41
N ILE F 170 -16.32 11.27 20.31
CA ILE F 170 -16.79 11.24 21.71
C ILE F 170 -18.18 10.63 21.91
N PRO F 171 -19.26 11.15 21.30
CA PRO F 171 -20.59 10.69 21.73
C PRO F 171 -20.92 9.27 21.30
N LEU F 172 -20.58 8.91 20.05
CA LEU F 172 -20.91 7.58 19.54
C LEU F 172 -20.16 6.50 20.31
N LEU F 173 -18.85 6.67 20.50
CA LEU F 173 -18.06 5.68 21.23
C LEU F 173 -18.46 5.60 22.69
N ILE F 174 -18.72 6.75 23.32
CA ILE F 174 -19.13 6.75 24.73
C ILE F 174 -20.48 6.05 24.90
N PHE F 175 -21.45 6.37 24.04
CA PHE F 175 -22.77 5.78 24.16
C PHE F 175 -22.77 4.30 23.81
N ALA F 176 -22.00 3.90 22.78
CA ALA F 176 -21.97 2.50 22.39
C ALA F 176 -21.24 1.64 23.42
N THR F 177 -20.14 2.15 23.98
CA THR F 177 -19.45 1.41 25.03
C THR F 177 -20.30 1.32 26.29
N ALA F 178 -21.05 2.39 26.60
CA ALA F 178 -21.97 2.33 27.73
C ALA F 178 -23.09 1.33 27.48
N ALA F 179 -23.59 1.25 26.24
CA ALA F 179 -24.63 0.28 25.90
C ALA F 179 -24.13 -1.16 26.02
N MET F 180 -22.92 -1.42 25.51
CA MET F 180 -22.32 -2.74 25.67
C MET F 180 -22.06 -3.09 27.14
N ASP F 181 -21.59 -2.10 27.93
CA ASP F 181 -21.31 -2.38 29.33
C ASP F 181 -22.59 -2.62 30.12
N ALA F 182 -23.67 -1.90 29.77
CA ALA F 182 -24.95 -2.13 30.41
C ALA F 182 -25.60 -3.43 29.94
N ALA F 183 -25.27 -3.90 28.74
CA ALA F 183 -25.75 -5.19 28.27
C ALA F 183 -24.86 -6.35 28.68
N SER F 184 -23.68 -6.09 29.23
CA SER F 184 -22.85 -7.15 29.78
C SER F 184 -23.55 -7.84 30.95
N MET F 185 -24.17 -7.06 31.82
CA MET F 185 -25.12 -7.57 32.78
C MET F 185 -26.51 -7.57 32.15
N HIS F 186 -27.38 -8.45 32.62
CA HIS F 186 -28.67 -8.62 31.98
C HIS F 186 -29.62 -7.47 32.34
N LEU F 187 -29.56 -6.40 31.57
CA LEU F 187 -30.40 -5.22 31.72
C LEU F 187 -30.96 -4.85 30.36
N PRO F 188 -32.09 -4.13 30.33
CA PRO F 188 -32.60 -3.62 29.05
C PRO F 188 -31.61 -2.65 28.41
N VAL F 189 -31.52 -2.71 27.07
CA VAL F 189 -30.50 -2.00 26.33
C VAL F 189 -31.08 -1.21 25.15
N ASP F 190 -32.37 -1.35 24.86
CA ASP F 190 -32.97 -0.71 23.68
C ASP F 190 -33.00 0.81 23.79
N GLY F 191 -32.92 1.37 25.00
CA GLY F 191 -32.91 2.81 25.17
C GLY F 191 -31.70 3.49 24.56
N TYR F 192 -30.53 2.87 24.63
CA TYR F 192 -29.35 3.40 23.96
C TYR F 192 -29.29 2.99 22.50
N LEU F 193 -29.90 1.85 22.15
CA LEU F 193 -29.95 1.42 20.76
C LEU F 193 -30.81 2.36 19.91
N ALA F 194 -31.90 2.87 20.48
CA ALA F 194 -32.72 3.85 19.78
C ALA F 194 -31.96 5.16 19.57
N ILE F 195 -31.16 5.56 20.56
CA ILE F 195 -30.31 6.74 20.43
C ILE F 195 -29.29 6.54 19.31
N LEU F 196 -28.70 5.35 19.25
CA LEU F 196 -27.72 5.06 18.19
C LEU F 196 -28.37 5.01 16.81
N GLY F 197 -29.60 4.50 16.73
CA GLY F 197 -30.33 4.53 15.47
C GLY F 197 -30.69 5.94 15.03
N ALA F 198 -31.07 6.80 15.98
CA ALA F 198 -31.32 8.19 15.65
C ALA F 198 -30.05 8.90 15.20
N LEU F 199 -28.92 8.54 15.83
CA LEU F 199 -27.63 9.08 15.39
C LEU F 199 -27.28 8.62 13.98
N LEU F 200 -27.59 7.37 13.65
CA LEU F 200 -27.36 6.87 12.29
C LEU F 200 -28.24 7.62 11.29
N ALA F 201 -29.51 7.86 11.63
CA ALA F 201 -30.38 8.61 10.75
C ALA F 201 -29.88 10.04 10.55
N GLY F 202 -29.44 10.68 11.63
CA GLY F 202 -28.91 12.04 11.52
C GLY F 202 -27.64 12.12 10.70
N THR F 203 -26.72 11.17 10.90
CA THR F 203 -25.50 11.14 10.11
C THR F 203 -25.77 10.85 8.64
N ALA F 204 -26.69 9.93 8.36
CA ALA F 204 -27.04 9.64 6.97
C ALA F 204 -27.73 10.82 6.31
N THR F 205 -28.46 11.63 7.08
CA THR F 205 -29.08 12.82 6.51
C THR F 205 -28.07 13.95 6.29
N LEU F 206 -27.09 14.09 7.19
CA LEU F 206 -26.29 15.31 7.23
C LEU F 206 -24.87 15.16 6.69
N SER F 207 -24.33 13.94 6.59
CA SER F 207 -22.92 13.79 6.22
C SER F 207 -22.61 14.12 4.77
N PRO F 208 -23.28 13.54 3.72
CA PRO F 208 -22.83 13.82 2.35
C PRO F 208 -23.09 15.24 1.90
N PHE F 209 -24.19 15.85 2.39
CA PHE F 209 -24.51 17.22 2.01
C PHE F 209 -23.47 18.22 2.49
N ALA F 210 -22.99 18.05 3.72
CA ALA F 210 -21.94 18.93 4.23
C ALA F 210 -20.57 18.56 3.70
N THR F 211 -20.31 17.26 3.52
CA THR F 211 -18.98 16.84 3.09
C THR F 211 -18.74 17.17 1.62
N ALA F 212 -19.79 17.21 0.80
CA ALA F 212 -19.65 17.68 -0.57
C ALA F 212 -19.26 19.16 -0.62
N ALA F 213 -19.86 19.97 0.26
CA ALA F 213 -19.46 21.37 0.36
C ALA F 213 -18.02 21.50 0.83
N ALA F 214 -17.62 20.67 1.80
CA ALA F 214 -16.24 20.68 2.27
C ALA F 214 -15.26 20.28 1.17
N LEU F 215 -15.65 19.31 0.34
CA LEU F 215 -14.82 18.89 -0.78
C LEU F 215 -14.73 19.96 -1.85
N ARG F 216 -15.81 20.74 -2.03
CA ARG F 216 -15.75 21.89 -2.91
C ARG F 216 -14.82 22.96 -2.35
N ILE F 217 -14.80 23.13 -1.03
CA ILE F 217 -13.92 24.10 -0.39
C ILE F 217 -12.45 23.69 -0.51
N SER F 218 -12.15 22.39 -0.33
CA SER F 218 -10.76 21.96 -0.16
C SER F 218 -9.93 22.15 -1.43
N ILE F 219 -10.45 21.68 -2.57
CA ILE F 219 -9.78 21.90 -3.85
C ILE F 219 -10.36 23.17 -4.46
N GLN F 220 -9.48 23.99 -5.02
CA GLN F 220 -9.86 25.27 -5.61
C GLN F 220 -8.97 25.57 -6.81
#